data_5IKT
#
_entry.id   5IKT
#
_cell.length_a   126.669
_cell.length_b   149.759
_cell.length_c   185.726
_cell.angle_alpha   90.00
_cell.angle_beta   90.00
_cell.angle_gamma   90.00
#
_symmetry.space_group_name_H-M   'I 2 2 2'
#
loop_
_entity.id
_entity.type
_entity.pdbx_description
1 polymer 'Prostaglandin G/H synthase 2'
2 branched alpha-D-mannopyranose-(1-4)-2-acetamido-2-deoxy-beta-D-glucopyranose-(1-4)-2-acetamido-2-deoxy-beta-D-glucopyranose
3 branched 2-acetamido-2-deoxy-beta-D-glucopyranose-(1-4)-2-acetamido-2-deoxy-beta-D-glucopyranose
4 non-polymer '2-[(3-chloro-2-methylphenyl)amino]benzoic acid'
5 non-polymer 'PROTOPORPHYRIN IX CONTAINING CO'
6 non-polymer 'PHOSPHATE ION'
7 non-polymer 2-acetamido-2-deoxy-beta-D-glucopyranose
8 water water
#
_entity_poly.entity_id   1
_entity_poly.type   'polypeptide(L)'
_entity_poly.pdbx_seq_one_letter_code
;NPCCSHPCQNRGVCMSVGFDQYKCDCTRTGFYGENCSTPEFLTRIKLFLKPTPNTVHYILTHFKGFWNVVNNIPFLRNAI
MSYVLTSRSHLIDSPPTYNADYGYKSWEAFSNLSYYTRALPPVPDDCPTPLGVKGKKQLPDSNEIVEKLLLRRKFIPDPQ
GSNMMFAFFAQHFTHQFFKTDHKRGPAFTNGLGHGVDLNHIYGETLARQRKLRLFKDGKMKYQIIDGEMYPPTVKDTQAE
MIYPPQVPEHLRFAVGQEVFGLVPGLMMYATIWLREHNRVCDVLKQEHPEWGDEQLFQTSRLILIGETIKIVIEDYVQHL
SGYHFKLKFDPELLFNKQFQYQNRIAAEFNTLYHWHPLLPDTFQIHDQKYNYQQFIYNNSILLEHGITQFVESFTRQIAG
RVAGGRNVPPAVQKVSQASIDQSRQMKYQSFNEYRKRFMLKPYESFEELTGEKEMSAELEALYGDIDAVELYPALLVEKP
RPDAIFGETMVEVGAPFSLKGLMGNVICSPAYWKPSTFGGEVGFQIINTASIQSLICNNVKGCPFTSFSVP
;
_entity_poly.pdbx_strand_id   A,B
#
loop_
_chem_comp.id
_chem_comp.type
_chem_comp.name
_chem_comp.formula
COH non-polymer 'PROTOPORPHYRIN IX CONTAINING CO' 'C34 H32 Co N4 O4'
MAN D-saccharide, alpha linking alpha-D-mannopyranose 'C6 H12 O6'
NAG D-saccharide, beta linking 2-acetamido-2-deoxy-beta-D-glucopyranose 'C8 H15 N O6'
PO4 non-polymer 'PHOSPHATE ION' 'O4 P -3'
TLF non-polymer '2-[(3-chloro-2-methylphenyl)amino]benzoic acid' 'C14 H12 Cl N O2'
#
# COMPACT_ATOMS: atom_id res chain seq x y z
N ASN A 1 31.22 -14.61 -1.25
CA ASN A 1 30.30 -13.68 -1.89
C ASN A 1 30.99 -12.33 -2.11
N PRO A 2 31.22 -11.95 -3.38
CA PRO A 2 32.00 -10.74 -3.67
C PRO A 2 31.30 -9.44 -3.25
N CYS A 3 29.98 -9.50 -3.06
CA CYS A 3 29.23 -8.31 -2.67
C CYS A 3 29.38 -7.97 -1.20
N CYS A 4 30.06 -8.84 -0.45
CA CYS A 4 30.31 -8.61 0.97
C CYS A 4 31.04 -7.28 1.21
N SER A 5 31.85 -6.86 0.25
CA SER A 5 32.62 -5.63 0.38
C SER A 5 31.80 -4.40 0.06
N HIS A 6 30.53 -4.60 -0.32
CA HIS A 6 29.65 -3.52 -0.71
C HIS A 6 30.30 -2.62 -1.76
N PRO A 7 30.72 -3.21 -2.88
CA PRO A 7 31.50 -2.51 -3.91
C PRO A 7 30.72 -1.42 -4.66
N CYS A 8 29.41 -1.60 -4.80
CA CYS A 8 28.60 -0.70 -5.61
C CYS A 8 28.24 0.59 -4.88
N GLN A 9 28.60 1.71 -5.48
CA GLN A 9 28.39 3.03 -4.88
C GLN A 9 27.13 3.71 -5.41
N ASN A 10 26.67 4.72 -4.69
CA ASN A 10 25.60 5.60 -5.15
C ASN A 10 24.30 4.87 -5.50
N ARG A 11 23.89 3.96 -4.62
CA ARG A 11 22.62 3.23 -4.74
C ARG A 11 22.62 2.19 -5.87
N GLY A 12 23.80 1.87 -6.40
CA GLY A 12 23.90 0.80 -7.36
C GLY A 12 23.65 -0.54 -6.70
N VAL A 13 23.07 -1.47 -7.45
CA VAL A 13 22.69 -2.77 -6.89
C VAL A 13 23.74 -3.83 -7.20
N CYS A 14 24.35 -4.37 -6.15
CA CYS A 14 25.35 -5.42 -6.30
C CYS A 14 24.69 -6.77 -6.50
N MET A 15 25.21 -7.53 -7.46
CA MET A 15 24.67 -8.84 -7.80
C MET A 15 25.81 -9.78 -8.15
N SER A 16 25.78 -10.98 -7.57
CA SER A 16 26.82 -11.96 -7.84
C SER A 16 26.64 -12.58 -9.21
N VAL A 17 27.75 -12.73 -9.94
CA VAL A 17 27.77 -13.43 -11.21
C VAL A 17 28.81 -14.53 -11.14
N GLY A 18 28.36 -15.77 -11.02
CA GLY A 18 29.27 -16.86 -10.75
C GLY A 18 29.75 -16.79 -9.32
N PHE A 19 30.82 -17.51 -9.01
CA PHE A 19 31.28 -17.62 -7.62
C PHE A 19 32.31 -16.56 -7.25
N ASP A 20 32.90 -15.90 -8.24
CA ASP A 20 34.04 -15.02 -8.01
C ASP A 20 33.92 -13.63 -8.64
N GLN A 21 32.75 -13.30 -9.15
CA GLN A 21 32.54 -12.00 -9.79
C GLN A 21 31.24 -11.34 -9.36
N TYR A 22 31.21 -10.02 -9.44
CA TYR A 22 30.03 -9.24 -9.11
C TYR A 22 29.70 -8.28 -10.24
N LYS A 23 28.48 -7.74 -10.19
CA LYS A 23 28.00 -6.79 -11.18
C LYS A 23 27.30 -5.66 -10.47
N CYS A 24 27.43 -4.44 -10.98
CA CYS A 24 26.75 -3.29 -10.42
C CYS A 24 25.72 -2.73 -11.40
N ASP A 25 24.48 -2.69 -10.95
CA ASP A 25 23.39 -2.11 -11.73
C ASP A 25 23.30 -0.61 -11.44
N CYS A 26 23.71 0.19 -12.42
CA CYS A 26 23.84 1.64 -12.23
C CYS A 26 22.60 2.40 -12.68
N THR A 27 21.54 1.67 -12.99
CA THR A 27 20.31 2.25 -13.53
C THR A 27 19.78 3.43 -12.70
N ARG A 28 19.67 4.58 -13.35
CA ARG A 28 19.11 5.79 -12.76
C ARG A 28 19.80 6.24 -11.47
N THR A 29 21.06 5.87 -11.31
CA THR A 29 21.83 6.28 -10.14
C THR A 29 22.49 7.64 -10.36
N GLY A 30 22.67 8.02 -11.62
CA GLY A 30 23.38 9.24 -11.96
C GLY A 30 24.86 8.99 -12.18
N PHE A 31 25.27 7.73 -12.00
CA PHE A 31 26.65 7.33 -12.15
C PHE A 31 26.75 6.12 -13.08
N TYR A 32 27.96 5.86 -13.58
CA TYR A 32 28.24 4.67 -14.36
C TYR A 32 29.63 4.15 -14.00
N GLY A 33 30.04 3.07 -14.63
CA GLY A 33 31.32 2.45 -14.35
C GLY A 33 31.16 1.15 -13.58
N GLU A 34 32.27 0.48 -13.31
CA GLU A 34 32.24 -0.82 -12.66
C GLU A 34 31.57 -0.75 -11.29
N ASN A 35 31.88 0.28 -10.52
CA ASN A 35 31.33 0.45 -9.18
C ASN A 35 30.39 1.64 -9.07
N CYS A 36 29.85 2.09 -10.20
CA CYS A 36 28.93 3.21 -10.24
C CYS A 36 29.53 4.45 -9.58
N SER A 37 30.80 4.71 -9.88
CA SER A 37 31.55 5.77 -9.22
C SER A 37 31.72 7.01 -10.08
N THR A 38 31.66 6.83 -11.40
CA THR A 38 31.87 7.95 -12.33
C THR A 38 30.56 8.70 -12.57
N PRO A 39 30.49 9.97 -12.16
CA PRO A 39 29.23 10.73 -12.35
C PRO A 39 28.95 11.09 -13.80
N GLU A 40 27.67 11.14 -14.16
CA GLU A 40 27.28 11.64 -15.47
C GLU A 40 27.44 13.15 -15.50
N PHE A 41 27.27 13.76 -16.67
CA PHE A 41 27.48 15.19 -16.82
C PHE A 41 26.58 16.00 -15.89
N LEU A 42 25.29 15.66 -15.89
CA LEU A 42 24.33 16.34 -15.03
C LEU A 42 24.65 16.16 -13.56
N THR A 43 25.06 14.95 -13.19
CA THR A 43 25.36 14.61 -11.81
C THR A 43 26.52 15.47 -11.30
N ARG A 44 27.49 15.73 -12.17
CA ARG A 44 28.62 16.59 -11.82
C ARG A 44 28.15 17.99 -11.43
N ILE A 45 27.22 18.53 -12.21
CA ILE A 45 26.69 19.86 -11.96
C ILE A 45 25.94 19.90 -10.64
N LYS A 46 25.02 18.96 -10.45
CA LYS A 46 24.25 18.89 -9.21
C LYS A 46 25.18 18.77 -8.00
N LEU A 47 26.12 17.84 -8.09
CA LEU A 47 27.08 17.61 -7.01
C LEU A 47 27.86 18.88 -6.66
N PHE A 48 28.14 19.69 -7.66
CA PHE A 48 28.94 20.88 -7.49
C PHE A 48 28.15 22.03 -6.88
N LEU A 49 26.84 22.03 -7.11
CA LEU A 49 25.97 23.10 -6.60
C LEU A 49 25.28 22.71 -5.29
N LYS A 50 25.33 21.42 -4.96
CA LYS A 50 24.69 20.94 -3.74
C LYS A 50 25.46 21.38 -2.49
N PRO A 51 24.80 22.08 -1.56
CA PRO A 51 25.49 22.47 -0.32
C PRO A 51 25.49 21.33 0.71
N THR A 52 26.49 21.31 1.58
CA THR A 52 26.56 20.28 2.61
C THR A 52 25.41 20.46 3.61
N PRO A 53 24.87 19.33 4.13
CA PRO A 53 23.79 19.42 5.13
C PRO A 53 24.14 20.33 6.31
N ASN A 54 25.40 20.30 6.74
CA ASN A 54 25.86 21.17 7.81
C ASN A 54 25.71 22.64 7.45
N THR A 55 25.89 22.95 6.18
CA THR A 55 25.71 24.31 5.69
C THR A 55 24.23 24.67 5.70
N VAL A 56 23.41 23.77 5.15
CA VAL A 56 21.96 23.94 5.15
C VAL A 56 21.44 24.12 6.57
N HIS A 57 21.97 23.33 7.50
CA HIS A 57 21.53 23.40 8.88
C HIS A 57 21.94 24.72 9.52
N TYR A 58 23.13 25.21 9.20
CA TYR A 58 23.58 26.50 9.69
C TYR A 58 22.63 27.61 9.24
N ILE A 59 22.31 27.58 7.95
CA ILE A 59 21.44 28.57 7.34
C ILE A 59 20.05 28.55 7.97
N LEU A 60 19.53 27.36 8.22
CA LEU A 60 18.18 27.21 8.75
C LEU A 60 18.11 27.54 10.24
N THR A 61 19.24 27.46 10.93
CA THR A 61 19.28 27.71 12.37
C THR A 61 19.90 29.07 12.69
N HIS A 62 20.10 29.89 11.66
CA HIS A 62 20.59 31.26 11.82
C HIS A 62 19.70 32.22 11.04
N PHE A 63 20.04 33.51 11.11
CA PHE A 63 19.31 34.55 10.37
C PHE A 63 17.84 34.59 10.78
N LYS A 64 17.61 34.76 12.08
CA LYS A 64 16.27 34.69 12.65
C LYS A 64 15.32 35.74 12.06
N GLY A 65 15.83 36.94 11.82
CA GLY A 65 15.01 38.01 11.30
C GLY A 65 14.55 37.73 9.88
N PHE A 66 15.41 37.06 9.12
CA PHE A 66 15.12 36.70 7.74
C PHE A 66 14.01 35.66 7.65
N TRP A 67 14.11 34.61 8.47
CA TRP A 67 13.10 33.56 8.47
C TRP A 67 11.75 34.05 8.96
N ASN A 68 11.76 34.97 9.92
CA ASN A 68 10.52 35.59 10.39
C ASN A 68 9.73 36.25 9.27
N VAL A 69 10.45 36.82 8.31
CA VAL A 69 9.81 37.44 7.15
C VAL A 69 9.34 36.38 6.17
N VAL A 70 10.22 35.42 5.87
CA VAL A 70 9.89 34.32 4.96
C VAL A 70 8.65 33.57 5.45
N ASN A 71 8.58 33.33 6.75
CA ASN A 71 7.46 32.60 7.34
C ASN A 71 6.13 33.30 7.09
N ASN A 72 6.17 34.62 6.92
CA ASN A 72 4.97 35.42 6.70
C ASN A 72 4.70 35.70 5.22
N ILE A 73 5.50 35.10 4.35
CA ILE A 73 5.27 35.16 2.91
C ILE A 73 4.84 33.77 2.44
N PRO A 74 3.51 33.51 2.40
CA PRO A 74 2.99 32.16 2.10
C PRO A 74 3.63 31.55 0.87
N PHE A 75 3.85 32.37 -0.15
CA PHE A 75 4.47 31.93 -1.39
C PHE A 75 5.84 31.30 -1.15
N LEU A 76 6.68 31.97 -0.38
CA LEU A 76 8.04 31.48 -0.12
C LEU A 76 8.05 30.32 0.85
N ARG A 77 7.26 30.42 1.92
CA ARG A 77 7.18 29.35 2.91
C ARG A 77 6.76 28.04 2.27
N ASN A 78 5.72 28.10 1.43
CA ASN A 78 5.21 26.91 0.76
C ASN A 78 6.23 26.27 -0.17
N ALA A 79 6.90 27.10 -0.98
CA ALA A 79 7.90 26.62 -1.91
C ALA A 79 9.04 25.92 -1.16
N ILE A 80 9.44 26.50 -0.05
CA ILE A 80 10.52 25.95 0.77
C ILE A 80 10.09 24.63 1.41
N MET A 81 8.93 24.63 2.05
CA MET A 81 8.43 23.43 2.70
C MET A 81 8.25 22.31 1.68
N SER A 82 7.72 22.66 0.52
CA SER A 82 7.53 21.71 -0.57
C SER A 82 8.84 21.02 -0.93
N TYR A 83 9.91 21.80 -1.03
CA TYR A 83 11.22 21.26 -1.38
C TYR A 83 11.76 20.33 -0.29
N VAL A 84 11.58 20.74 0.97
CA VAL A 84 11.97 19.91 2.11
C VAL A 84 11.34 18.54 1.98
N LEU A 85 10.03 18.52 1.73
CA LEU A 85 9.29 17.26 1.64
C LEU A 85 9.77 16.41 0.47
N THR A 86 9.83 17.00 -0.72
CA THR A 86 10.19 16.25 -1.92
C THR A 86 11.64 15.78 -1.88
N SER A 87 12.55 16.65 -1.46
CA SER A 87 13.98 16.33 -1.46
C SER A 87 14.30 15.21 -0.48
N ARG A 88 13.78 15.31 0.75
CA ARG A 88 14.06 14.30 1.76
C ARG A 88 13.38 12.96 1.45
N SER A 89 12.28 13.01 0.71
CA SER A 89 11.50 11.80 0.43
C SER A 89 12.13 10.93 -0.67
N HIS A 90 12.85 11.55 -1.58
CA HIS A 90 13.53 10.82 -2.65
C HIS A 90 14.55 9.81 -2.11
N LEU A 91 14.89 9.94 -0.84
CA LEU A 91 15.88 9.07 -0.23
C LEU A 91 15.28 7.76 0.30
N ILE A 92 13.96 7.65 0.27
CA ILE A 92 13.28 6.43 0.68
C ILE A 92 12.70 5.71 -0.52
N ASP A 93 12.94 4.40 -0.60
CA ASP A 93 12.32 3.58 -1.62
C ASP A 93 10.87 3.30 -1.23
N SER A 94 9.96 3.66 -2.13
CA SER A 94 8.54 3.45 -1.92
C SER A 94 7.85 3.16 -3.25
N PRO A 95 7.28 1.95 -3.41
CA PRO A 95 7.15 0.81 -2.48
C PRO A 95 8.49 0.32 -1.94
N PRO A 96 8.46 -0.32 -0.75
CA PRO A 96 9.69 -0.74 -0.07
C PRO A 96 10.39 -1.89 -0.77
N THR A 97 11.60 -2.20 -0.33
CA THR A 97 12.42 -3.20 -0.99
C THR A 97 12.87 -4.31 -0.02
N TYR A 98 13.99 -4.10 0.66
CA TYR A 98 14.62 -5.15 1.44
C TYR A 98 14.04 -5.31 2.84
N ASN A 99 14.30 -6.47 3.44
CA ASN A 99 14.07 -6.67 4.87
C ASN A 99 15.18 -7.55 5.45
N ALA A 100 15.03 -7.94 6.71
CA ALA A 100 16.08 -8.67 7.41
C ALA A 100 16.49 -9.96 6.70
N ASP A 101 15.56 -10.58 6.00
CA ASP A 101 15.79 -11.89 5.40
C ASP A 101 16.11 -11.83 3.90
N TYR A 102 16.05 -10.65 3.31
CA TYR A 102 16.25 -10.51 1.86
C TYR A 102 17.10 -9.30 1.50
N GLY A 103 18.32 -9.57 1.06
CA GLY A 103 19.21 -8.54 0.56
C GLY A 103 19.12 -8.41 -0.95
N TYR A 104 18.11 -9.05 -1.52
CA TYR A 104 17.76 -8.87 -2.93
C TYR A 104 16.26 -8.64 -3.02
N LYS A 105 15.81 -7.95 -4.05
CA LYS A 105 14.39 -7.70 -4.22
C LYS A 105 13.64 -9.01 -4.43
N SER A 106 12.56 -9.18 -3.68
CA SER A 106 11.72 -10.36 -3.80
C SER A 106 10.28 -10.00 -3.42
N TRP A 107 9.34 -10.81 -3.89
CA TRP A 107 7.94 -10.57 -3.58
C TRP A 107 7.65 -10.84 -2.11
N GLU A 108 8.42 -11.75 -1.51
CA GLU A 108 8.26 -12.04 -0.09
C GLU A 108 8.56 -10.80 0.73
N ALA A 109 9.65 -10.11 0.36
CA ALA A 109 10.08 -8.92 1.08
C ALA A 109 9.10 -7.77 0.88
N PHE A 110 8.58 -7.63 -0.33
CA PHE A 110 7.63 -6.56 -0.61
C PHE A 110 6.29 -6.77 0.09
N SER A 111 5.74 -7.98 -0.04
CA SER A 111 4.35 -8.24 0.29
C SER A 111 4.10 -8.53 1.78
N ASN A 112 5.09 -9.06 2.46
CA ASN A 112 4.92 -9.51 3.84
C ASN A 112 5.01 -8.33 4.82
N LEU A 113 3.86 -7.86 5.27
CA LEU A 113 3.77 -6.66 6.09
C LEU A 113 4.24 -6.85 7.53
N SER A 114 4.61 -8.08 7.88
CA SER A 114 5.03 -8.40 9.24
C SER A 114 6.48 -8.01 9.48
N TYR A 115 7.22 -7.74 8.41
CA TYR A 115 8.60 -7.29 8.53
C TYR A 115 8.71 -5.77 8.64
N TYR A 116 9.65 -5.30 9.46
CA TYR A 116 10.21 -3.98 9.24
C TYR A 116 10.93 -4.03 7.90
N THR A 117 10.82 -2.97 7.10
CA THR A 117 11.55 -2.93 5.84
C THR A 117 12.97 -2.43 6.12
N ARG A 118 13.83 -2.46 5.11
CA ARG A 118 15.23 -2.07 5.28
C ARG A 118 15.69 -1.06 4.23
N ALA A 119 16.38 -0.03 4.69
CA ALA A 119 16.93 1.00 3.81
C ALA A 119 18.19 0.47 3.14
N LEU A 120 19.03 -0.24 3.90
CA LEU A 120 20.15 -0.99 3.35
C LEU A 120 19.92 -2.48 3.57
N PRO A 121 20.27 -3.31 2.59
CA PRO A 121 20.03 -4.75 2.76
C PRO A 121 20.95 -5.34 3.82
N PRO A 122 20.58 -6.51 4.36
CA PRO A 122 21.43 -7.19 5.34
C PRO A 122 22.76 -7.61 4.74
N VAL A 123 23.80 -7.62 5.55
CA VAL A 123 25.09 -8.17 5.14
C VAL A 123 24.88 -9.65 4.85
N PRO A 124 25.30 -10.13 3.66
CA PRO A 124 25.11 -11.56 3.38
C PRO A 124 25.73 -12.45 4.44
N ASP A 125 25.27 -13.70 4.50
CA ASP A 125 25.62 -14.59 5.61
C ASP A 125 27.10 -14.94 5.64
N ASP A 126 27.56 -15.68 4.63
CA ASP A 126 28.95 -16.12 4.61
C ASP A 126 29.85 -14.98 4.14
N CYS A 127 30.15 -14.06 5.05
CA CYS A 127 31.03 -12.93 4.78
C CYS A 127 32.28 -13.00 5.64
N PRO A 128 33.40 -12.44 5.15
CA PRO A 128 34.65 -12.42 5.92
C PRO A 128 34.48 -11.84 7.32
N THR A 129 33.61 -10.84 7.46
CA THR A 129 33.31 -10.26 8.75
C THR A 129 31.81 -10.01 8.87
N PRO A 130 31.31 -9.79 10.10
CA PRO A 130 29.90 -9.50 10.33
C PRO A 130 29.36 -8.34 9.49
N LEU A 131 30.17 -7.30 9.31
CA LEU A 131 29.76 -6.11 8.59
C LEU A 131 30.04 -6.22 7.10
N GLY A 132 30.83 -7.22 6.72
CA GLY A 132 31.19 -7.42 5.33
C GLY A 132 32.62 -7.92 5.23
N VAL A 133 33.55 -6.99 5.00
CA VAL A 133 34.98 -7.31 4.96
C VAL A 133 35.72 -6.54 6.04
N LYS A 134 35.22 -5.35 6.38
CA LYS A 134 35.84 -4.49 7.37
C LYS A 134 35.66 -5.03 8.79
N GLY A 135 36.50 -4.58 9.70
CA GLY A 135 36.40 -4.97 11.10
C GLY A 135 37.04 -6.30 11.39
N LYS A 136 37.00 -6.71 12.66
CA LYS A 136 37.51 -8.01 13.07
C LYS A 136 36.48 -9.10 12.80
N LYS A 137 36.89 -10.35 12.93
CA LYS A 137 35.99 -11.48 12.67
C LYS A 137 34.83 -11.47 13.67
N GLN A 138 35.09 -10.97 14.86
CA GLN A 138 34.08 -10.89 15.92
C GLN A 138 33.90 -9.44 16.35
N LEU A 139 32.64 -9.01 16.43
CA LEU A 139 32.35 -7.65 16.87
C LEU A 139 32.65 -7.49 18.34
N PRO A 140 33.00 -6.27 18.77
CA PRO A 140 33.31 -6.03 20.19
C PRO A 140 32.14 -6.39 21.12
N ASP A 141 32.46 -6.73 22.36
CA ASP A 141 31.44 -7.03 23.36
C ASP A 141 30.51 -5.84 23.53
N SER A 142 29.20 -6.10 23.48
CA SER A 142 28.21 -5.03 23.44
C SER A 142 28.08 -4.32 24.79
N ASN A 143 28.19 -5.08 25.88
CA ASN A 143 28.12 -4.49 27.22
C ASN A 143 29.31 -3.57 27.48
N GLU A 144 30.44 -3.89 26.86
CA GLU A 144 31.64 -3.07 26.97
C GLU A 144 31.45 -1.76 26.21
N ILE A 145 30.83 -1.83 25.04
CA ILE A 145 30.50 -0.63 24.27
C ILE A 145 29.62 0.28 25.10
N VAL A 146 28.65 -0.29 25.80
CA VAL A 146 27.71 0.49 26.57
C VAL A 146 28.40 1.24 27.70
N GLU A 147 29.07 0.50 28.56
CA GLU A 147 29.72 1.07 29.74
C GLU A 147 30.79 2.10 29.36
N LYS A 148 31.61 1.75 28.37
CA LYS A 148 32.72 2.63 27.96
C LYS A 148 32.25 3.88 27.24
N LEU A 149 31.14 3.78 26.50
CA LEU A 149 30.74 4.86 25.57
C LEU A 149 29.34 5.43 25.80
N LEU A 150 28.39 4.60 26.23
CA LEU A 150 26.99 5.02 26.26
C LEU A 150 26.47 5.28 27.66
N LEU A 151 27.04 4.63 28.66
CA LEU A 151 26.54 4.71 30.02
C LEU A 151 26.78 6.08 30.64
N ARG A 152 25.72 6.65 31.23
CA ARG A 152 25.79 7.97 31.84
C ARG A 152 26.67 8.01 33.08
N ARG A 153 27.55 9.00 33.14
CA ARG A 153 28.35 9.27 34.33
C ARG A 153 27.69 10.38 35.14
N LYS A 154 27.65 11.57 34.55
CA LYS A 154 26.89 12.69 35.10
C LYS A 154 25.82 13.10 34.09
N PHE A 155 24.67 13.53 34.58
CA PHE A 155 23.57 13.91 33.70
C PHE A 155 23.95 15.09 32.80
N ILE A 156 23.72 14.92 31.50
CA ILE A 156 24.00 15.96 30.52
C ILE A 156 22.68 16.45 29.92
N PRO A 157 22.23 17.65 30.34
CA PRO A 157 20.94 18.15 29.84
C PRO A 157 21.01 18.60 28.39
N ASP A 158 19.88 18.53 27.69
CA ASP A 158 19.80 18.94 26.29
C ASP A 158 19.99 20.45 26.14
N PRO A 159 20.94 20.90 25.31
CA PRO A 159 21.11 22.34 25.10
C PRO A 159 19.93 22.99 24.37
N GLN A 160 19.18 22.23 23.59
CA GLN A 160 18.00 22.76 22.91
C GLN A 160 16.83 22.93 23.88
N GLY A 161 17.01 22.47 25.11
CA GLY A 161 16.03 22.68 26.16
C GLY A 161 14.86 21.72 26.13
N SER A 162 14.99 20.58 25.46
CA SER A 162 13.92 19.61 25.38
C SER A 162 13.50 19.16 26.78
N ASN A 163 12.19 19.02 26.98
CA ASN A 163 11.65 18.65 28.29
C ASN A 163 11.01 17.26 28.25
N MET A 164 10.32 16.89 29.33
CA MET A 164 9.72 15.57 29.43
C MET A 164 8.42 15.48 28.63
N MET A 165 7.78 16.61 28.38
CA MET A 165 6.65 16.63 27.46
C MET A 165 7.12 16.17 26.09
N PHE A 166 8.31 16.61 25.70
CA PHE A 166 8.91 16.20 24.44
C PHE A 166 9.29 14.72 24.46
N ALA A 167 9.93 14.30 25.55
CA ALA A 167 10.43 12.93 25.68
C ALA A 167 9.30 11.91 25.62
N PHE A 168 8.24 12.16 26.38
CA PHE A 168 7.12 11.21 26.44
C PHE A 168 6.23 11.31 25.21
N PHE A 169 6.19 12.47 24.56
CA PHE A 169 5.48 12.58 23.30
C PHE A 169 6.18 11.74 22.25
N ALA A 170 7.50 11.83 22.22
CA ALA A 170 8.30 11.06 21.28
C ALA A 170 8.03 9.57 21.45
N GLN A 171 8.09 9.11 22.70
CA GLN A 171 7.87 7.69 23.01
C GLN A 171 6.45 7.27 22.66
N HIS A 172 5.47 8.06 23.12
CA HIS A 172 4.07 7.76 22.89
C HIS A 172 3.76 7.70 21.39
N PHE A 173 4.17 8.73 20.68
CA PHE A 173 3.84 8.87 19.26
C PHE A 173 4.49 7.78 18.40
N THR A 174 5.77 7.53 18.59
CA THR A 174 6.48 6.58 17.75
C THR A 174 6.12 5.12 18.06
N HIS A 175 5.60 4.87 19.25
CA HIS A 175 5.28 3.50 19.64
C HIS A 175 4.00 2.98 19.00
N GLN A 176 3.39 3.77 18.12
CA GLN A 176 2.29 3.26 17.32
C GLN A 176 2.80 2.53 16.09
N PHE A 177 3.99 2.92 15.59
CA PHE A 177 4.59 2.23 14.44
C PHE A 177 5.89 1.49 14.78
N PHE A 178 6.42 1.70 15.98
CA PHE A 178 7.49 0.85 16.50
C PHE A 178 6.90 -0.14 17.49
N LYS A 179 6.47 -1.29 16.98
CA LYS A 179 5.82 -2.32 17.79
C LYS A 179 6.48 -3.66 17.53
N THR A 180 7.76 -3.76 17.91
CA THR A 180 8.57 -4.94 17.66
C THR A 180 7.89 -6.20 18.20
N ASP A 181 7.79 -7.23 17.37
CA ASP A 181 7.19 -8.49 17.77
C ASP A 181 8.27 -9.43 18.27
N HIS A 182 8.52 -9.42 19.58
CA HIS A 182 9.68 -10.08 20.15
C HIS A 182 9.54 -11.60 20.25
N LYS A 183 8.31 -12.11 20.16
CA LYS A 183 8.12 -13.56 20.16
C LYS A 183 8.48 -14.12 18.79
N ARG A 184 8.57 -13.24 17.79
CA ARG A 184 8.99 -13.61 16.45
C ARG A 184 10.45 -13.26 16.20
N GLY A 185 10.85 -12.05 16.58
CA GLY A 185 12.21 -11.59 16.41
C GLY A 185 12.26 -10.09 16.17
N PRO A 186 13.44 -9.47 16.37
CA PRO A 186 13.61 -8.02 16.21
C PRO A 186 13.24 -7.51 14.83
N ALA A 187 13.20 -8.39 13.84
CA ALA A 187 12.96 -7.99 12.46
C ALA A 187 11.48 -7.85 12.12
N PHE A 188 10.61 -8.16 13.08
CA PHE A 188 9.17 -8.16 12.83
C PHE A 188 8.43 -7.12 13.65
N THR A 189 7.28 -6.68 13.13
CA THR A 189 6.43 -5.70 13.80
C THR A 189 4.98 -6.16 13.87
N ASN A 190 4.27 -5.66 14.89
CA ASN A 190 2.83 -5.89 15.01
C ASN A 190 2.02 -4.73 14.43
N GLY A 191 2.70 -3.64 14.09
CA GLY A 191 2.04 -2.48 13.52
C GLY A 191 1.92 -2.59 12.01
N LEU A 192 0.89 -3.31 11.56
CA LEU A 192 0.74 -3.60 10.13
C LEU A 192 0.22 -2.39 9.35
N GLY A 193 -0.18 -1.34 10.08
CA GLY A 193 -0.57 -0.09 9.44
C GLY A 193 0.66 0.65 8.94
N HIS A 194 1.80 0.35 9.54
CA HIS A 194 3.09 0.90 9.13
C HIS A 194 3.09 2.43 9.04
N GLY A 195 2.53 3.08 10.04
CA GLY A 195 2.53 4.53 10.07
C GLY A 195 1.63 5.12 11.14
N VAL A 196 1.07 6.28 10.82
CA VAL A 196 0.29 7.05 11.78
C VAL A 196 -1.20 6.72 11.66
N ASP A 197 -1.59 5.58 12.22
CA ASP A 197 -2.98 5.14 12.19
C ASP A 197 -3.65 5.26 13.56
N LEU A 198 -2.88 5.69 14.55
CA LEU A 198 -3.37 5.87 15.91
C LEU A 198 -3.89 4.55 16.51
N ASN A 199 -3.27 3.44 16.13
CA ASN A 199 -3.63 2.15 16.71
C ASN A 199 -3.29 2.11 18.20
N HIS A 200 -2.39 2.98 18.63
CA HIS A 200 -2.02 3.05 20.04
C HIS A 200 -3.11 3.76 20.86
N ILE A 201 -4.11 4.30 20.17
CA ILE A 201 -5.31 4.82 20.82
C ILE A 201 -6.48 3.87 20.62
N TYR A 202 -6.64 3.40 19.39
CA TYR A 202 -7.85 2.67 19.01
C TYR A 202 -7.67 1.16 18.95
N GLY A 203 -6.44 0.69 19.04
CA GLY A 203 -6.15 -0.74 18.96
C GLY A 203 -5.80 -1.16 17.54
N GLU A 204 -4.94 -2.16 17.44
CA GLU A 204 -4.47 -2.65 16.14
C GLU A 204 -5.57 -3.37 15.38
N THR A 205 -6.37 -4.17 16.09
CA THR A 205 -7.41 -4.98 15.46
C THR A 205 -8.80 -4.43 15.73
N LEU A 206 -9.76 -4.81 14.90
CA LEU A 206 -11.15 -4.42 15.10
C LEU A 206 -11.67 -4.99 16.42
N ALA A 207 -11.17 -6.16 16.78
CA ALA A 207 -11.60 -6.83 18.01
C ALA A 207 -11.24 -6.01 19.24
N ARG A 208 -10.02 -5.47 19.25
CA ARG A 208 -9.58 -4.64 20.37
C ARG A 208 -10.32 -3.30 20.35
N GLN A 209 -10.45 -2.70 19.17
CA GLN A 209 -11.19 -1.47 19.01
C GLN A 209 -12.58 -1.59 19.62
N ARG A 210 -13.23 -2.72 19.37
CA ARG A 210 -14.59 -2.94 19.84
C ARG A 210 -14.68 -3.03 21.36
N LYS A 211 -13.61 -3.49 21.99
CA LYS A 211 -13.55 -3.55 23.45
C LYS A 211 -13.40 -2.15 24.06
N LEU A 212 -12.72 -1.26 23.34
CA LEU A 212 -12.39 0.06 23.85
C LEU A 212 -13.48 1.10 23.57
N ARG A 213 -14.34 0.83 22.59
CA ARG A 213 -15.36 1.78 22.19
C ARG A 213 -16.60 1.70 23.07
N LEU A 214 -17.30 2.82 23.17
CA LEU A 214 -18.53 2.91 23.96
C LEU A 214 -19.75 2.55 23.12
N PHE A 215 -19.63 2.71 21.81
CA PHE A 215 -20.71 2.48 20.86
C PHE A 215 -21.92 3.36 21.18
N LYS A 216 -21.61 4.54 21.72
CA LYS A 216 -22.59 5.60 21.90
C LYS A 216 -21.91 6.91 21.51
N ASP A 217 -22.52 7.64 20.59
CA ASP A 217 -22.04 8.95 20.18
C ASP A 217 -20.61 8.91 19.64
N GLY A 218 -20.20 7.74 19.13
CA GLY A 218 -18.90 7.59 18.51
C GLY A 218 -17.75 7.59 19.50
N LYS A 219 -18.07 7.55 20.78
CA LYS A 219 -17.08 7.77 21.83
C LYS A 219 -16.31 6.51 22.23
N MET A 220 -15.23 6.74 22.95
CA MET A 220 -14.43 5.68 23.54
C MET A 220 -14.79 5.53 25.01
N LYS A 221 -14.78 4.30 25.52
CA LYS A 221 -15.06 4.05 26.93
C LYS A 221 -14.11 4.85 27.82
N TYR A 222 -14.55 5.17 29.03
CA TYR A 222 -13.73 5.95 29.94
C TYR A 222 -14.22 5.86 31.39
N GLN A 223 -13.40 6.36 32.31
CA GLN A 223 -13.77 6.48 33.72
C GLN A 223 -13.81 7.94 34.11
N ILE A 224 -14.65 8.27 35.09
CA ILE A 224 -14.56 9.56 35.78
C ILE A 224 -14.00 9.31 37.17
N ILE A 225 -12.77 9.75 37.40
CA ILE A 225 -12.11 9.65 38.69
C ILE A 225 -11.69 11.03 39.13
N ASP A 226 -12.09 11.41 40.34
CA ASP A 226 -11.81 12.74 40.87
C ASP A 226 -12.36 13.83 39.94
N GLY A 227 -13.45 13.51 39.26
CA GLY A 227 -14.13 14.47 38.40
C GLY A 227 -13.46 14.66 37.04
N GLU A 228 -12.56 13.75 36.68
CA GLU A 228 -11.82 13.85 35.42
C GLU A 228 -11.85 12.56 34.63
N MET A 229 -11.76 12.68 33.31
CA MET A 229 -11.86 11.53 32.41
C MET A 229 -10.54 10.76 32.32
N TYR A 230 -10.61 9.45 32.55
CA TYR A 230 -9.46 8.58 32.42
C TYR A 230 -9.82 7.39 31.53
N PRO A 231 -8.80 6.65 31.06
CA PRO A 231 -9.10 5.46 30.27
C PRO A 231 -9.83 4.42 31.09
N PRO A 232 -10.57 3.53 30.43
CA PRO A 232 -11.31 2.48 31.15
C PRO A 232 -10.36 1.44 31.72
N THR A 233 -10.89 0.52 32.52
CA THR A 233 -10.08 -0.54 33.10
C THR A 233 -10.04 -1.76 32.20
N VAL A 234 -9.05 -2.63 32.44
CA VAL A 234 -8.99 -3.92 31.79
C VAL A 234 -10.21 -4.75 32.13
N LYS A 235 -10.68 -4.63 33.38
CA LYS A 235 -11.83 -5.40 33.83
C LYS A 235 -13.09 -5.03 33.05
N ASP A 236 -13.28 -3.74 32.79
CA ASP A 236 -14.49 -3.26 32.15
C ASP A 236 -14.48 -3.45 30.63
N THR A 237 -13.28 -3.52 30.04
CA THR A 237 -13.16 -3.60 28.59
C THR A 237 -12.83 -4.99 28.08
N GLN A 238 -12.15 -5.79 28.92
CA GLN A 238 -11.62 -7.10 28.54
C GLN A 238 -10.49 -6.95 27.51
N ALA A 239 -9.93 -5.74 27.42
CA ALA A 239 -8.78 -5.51 26.55
C ALA A 239 -7.49 -5.77 27.31
N GLU A 240 -6.70 -6.72 26.82
CA GLU A 240 -5.45 -7.10 27.48
C GLU A 240 -4.46 -5.95 27.56
N MET A 241 -3.83 -5.83 28.72
CA MET A 241 -2.72 -4.91 28.92
C MET A 241 -1.54 -5.66 29.53
N ILE A 242 -0.35 -5.07 29.46
CA ILE A 242 0.81 -5.61 30.16
C ILE A 242 0.95 -4.92 31.50
N TYR A 243 0.62 -5.65 32.55
CA TYR A 243 0.80 -5.18 33.92
C TYR A 243 1.43 -6.27 34.77
N PRO A 244 2.43 -5.92 35.58
CA PRO A 244 2.93 -6.95 36.50
C PRO A 244 1.88 -7.28 37.57
N PRO A 245 1.98 -8.47 38.19
CA PRO A 245 0.95 -8.98 39.10
C PRO A 245 0.56 -8.03 40.24
N GLN A 246 1.45 -7.11 40.60
CA GLN A 246 1.23 -6.26 41.77
C GLN A 246 0.15 -5.21 41.52
N VAL A 247 0.05 -4.75 40.27
CA VAL A 247 -0.87 -3.69 39.91
C VAL A 247 -2.31 -4.12 40.19
N PRO A 248 -3.03 -3.40 41.07
CA PRO A 248 -4.40 -3.79 41.38
C PRO A 248 -5.38 -3.53 40.23
N GLU A 249 -6.53 -4.19 40.28
CA GLU A 249 -7.49 -4.18 39.18
C GLU A 249 -7.85 -2.77 38.71
N HIS A 250 -8.12 -1.89 39.67
CA HIS A 250 -8.67 -0.57 39.35
C HIS A 250 -7.63 0.39 38.76
N LEU A 251 -6.36 0.04 38.86
CA LEU A 251 -5.29 0.85 38.29
C LEU A 251 -4.81 0.30 36.96
N ARG A 252 -5.35 -0.85 36.57
CA ARG A 252 -5.02 -1.43 35.27
C ARG A 252 -5.80 -0.71 34.17
N PHE A 253 -5.27 0.44 33.76
CA PHE A 253 -5.88 1.22 32.68
C PHE A 253 -5.68 0.54 31.34
N ALA A 254 -6.71 0.57 30.51
CA ALA A 254 -6.69 -0.09 29.21
C ALA A 254 -6.73 0.94 28.08
N VAL A 255 -5.75 0.87 27.19
CA VAL A 255 -5.69 1.76 26.03
C VAL A 255 -5.25 0.96 24.80
N GLY A 256 -5.19 1.64 23.66
CA GLY A 256 -4.90 0.99 22.39
C GLY A 256 -3.63 0.17 22.39
N GLN A 257 -2.55 0.74 22.91
CA GLN A 257 -1.25 0.09 22.95
C GLN A 257 -1.08 -0.74 24.23
N GLU A 258 -0.87 -2.04 24.04
CA GLU A 258 -0.76 -3.00 25.15
C GLU A 258 0.27 -2.61 26.21
N VAL A 259 1.28 -1.84 25.82
CA VAL A 259 2.44 -1.61 26.69
C VAL A 259 2.46 -0.25 27.39
N PHE A 260 1.42 0.55 27.19
CA PHE A 260 1.44 1.93 27.68
C PHE A 260 1.21 2.05 29.19
N GLY A 261 1.03 0.91 29.86
CA GLY A 261 1.00 0.92 31.32
C GLY A 261 2.40 1.05 31.89
N LEU A 262 3.41 0.84 31.04
CA LEU A 262 4.81 0.87 31.45
C LEU A 262 5.18 2.09 32.29
N VAL A 263 4.81 3.28 31.81
CA VAL A 263 5.13 4.50 32.56
C VAL A 263 3.97 5.50 32.53
N PRO A 264 3.77 6.24 33.65
CA PRO A 264 2.69 7.23 33.75
C PRO A 264 2.77 8.33 32.70
N GLY A 265 3.97 8.57 32.17
CA GLY A 265 4.16 9.56 31.13
C GLY A 265 3.45 9.18 29.85
N LEU A 266 3.48 7.88 29.53
CA LEU A 266 2.77 7.37 28.37
C LEU A 266 1.27 7.45 28.60
N MET A 267 0.84 7.01 29.78
CA MET A 267 -0.57 6.98 30.13
C MET A 267 -1.14 8.38 30.19
N MET A 268 -0.28 9.35 30.47
CA MET A 268 -0.67 10.76 30.45
C MET A 268 -1.15 11.16 29.06
N TYR A 269 -0.33 10.87 28.06
CA TYR A 269 -0.68 11.19 26.68
C TYR A 269 -1.84 10.35 26.18
N ALA A 270 -1.91 9.10 26.63
CA ALA A 270 -3.02 8.23 26.31
C ALA A 270 -4.33 8.83 26.80
N THR A 271 -4.29 9.41 28.00
CA THR A 271 -5.46 10.04 28.60
C THR A 271 -5.85 11.31 27.84
N ILE A 272 -4.86 12.11 27.50
CA ILE A 272 -5.11 13.37 26.80
C ILE A 272 -5.74 13.12 25.43
N TRP A 273 -5.23 12.13 24.71
CA TRP A 273 -5.75 11.82 23.38
C TRP A 273 -7.13 11.18 23.44
N LEU A 274 -7.39 10.39 24.48
CA LEU A 274 -8.70 9.81 24.68
C LEU A 274 -9.72 10.92 24.92
N ARG A 275 -9.33 11.90 25.72
CA ARG A 275 -10.16 13.06 25.97
C ARG A 275 -10.41 13.82 24.68
N GLU A 276 -9.37 13.99 23.88
CA GLU A 276 -9.50 14.70 22.61
C GLU A 276 -10.47 13.97 21.69
N HIS A 277 -10.42 12.65 21.67
CA HIS A 277 -11.32 11.88 20.82
C HIS A 277 -12.78 12.14 21.18
N ASN A 278 -13.09 12.09 22.48
CA ASN A 278 -14.46 12.28 22.94
C ASN A 278 -14.90 13.73 22.86
N ARG A 279 -13.93 14.64 22.88
CA ARG A 279 -14.23 16.06 22.66
C ARG A 279 -14.66 16.28 21.21
N VAL A 280 -13.90 15.70 20.27
CA VAL A 280 -14.21 15.83 18.86
C VAL A 280 -15.55 15.18 18.53
N CYS A 281 -15.85 14.07 19.20
CA CYS A 281 -17.16 13.43 19.07
C CYS A 281 -18.27 14.43 19.38
N ASP A 282 -18.12 15.17 20.48
CA ASP A 282 -19.10 16.16 20.89
C ASP A 282 -19.25 17.26 19.83
N VAL A 283 -18.13 17.72 19.28
CA VAL A 283 -18.15 18.74 18.25
C VAL A 283 -18.91 18.26 17.02
N LEU A 284 -18.63 17.04 16.59
CA LEU A 284 -19.24 16.49 15.39
C LEU A 284 -20.74 16.23 15.59
N LYS A 285 -21.13 15.86 16.80
CA LYS A 285 -22.54 15.61 17.08
C LYS A 285 -23.34 16.89 16.94
N GLN A 286 -22.74 18.00 17.34
CA GLN A 286 -23.37 19.31 17.18
C GLN A 286 -23.50 19.64 15.69
N GLU A 287 -22.45 19.34 14.92
CA GLU A 287 -22.46 19.58 13.49
C GLU A 287 -23.36 18.60 12.76
N HIS A 288 -23.55 17.42 13.34
CA HIS A 288 -24.30 16.35 12.69
C HIS A 288 -25.15 15.56 13.67
N PRO A 289 -26.28 16.14 14.11
CA PRO A 289 -27.20 15.40 14.99
C PRO A 289 -27.81 14.19 14.31
N GLU A 290 -27.72 14.12 12.98
CA GLU A 290 -28.27 13.01 12.22
C GLU A 290 -27.31 11.82 12.13
N TRP A 291 -26.05 12.04 12.48
CA TRP A 291 -25.04 11.00 12.38
C TRP A 291 -25.21 9.91 13.44
N GLY A 292 -24.84 8.69 13.07
CA GLY A 292 -24.85 7.57 14.00
C GLY A 292 -23.50 7.42 14.69
N ASP A 293 -23.45 6.52 15.66
CA ASP A 293 -22.23 6.27 16.43
C ASP A 293 -21.03 5.91 15.56
N GLU A 294 -21.26 5.06 14.57
CA GLU A 294 -20.15 4.56 13.74
C GLU A 294 -19.47 5.69 12.97
N GLN A 295 -20.26 6.54 12.31
CA GLN A 295 -19.69 7.62 11.53
C GLN A 295 -19.05 8.67 12.43
N LEU A 296 -19.64 8.89 13.61
CA LEU A 296 -19.06 9.82 14.58
C LEU A 296 -17.68 9.34 15.03
N PHE A 297 -17.55 8.05 15.27
CA PHE A 297 -16.28 7.48 15.69
C PHE A 297 -15.22 7.54 14.59
N GLN A 298 -15.60 7.13 13.39
CA GLN A 298 -14.64 7.08 12.28
C GLN A 298 -14.16 8.47 11.92
N THR A 299 -15.08 9.43 11.83
CA THR A 299 -14.72 10.79 11.44
C THR A 299 -13.82 11.42 12.50
N SER A 300 -14.06 11.09 13.77
CA SER A 300 -13.22 11.59 14.85
C SER A 300 -11.81 11.05 14.74
N ARG A 301 -11.70 9.76 14.42
CA ARG A 301 -10.39 9.12 14.27
C ARG A 301 -9.58 9.79 13.17
N LEU A 302 -10.23 10.09 12.05
CA LEU A 302 -9.56 10.76 10.94
C LEU A 302 -9.13 12.17 11.32
N ILE A 303 -9.93 12.85 12.13
CA ILE A 303 -9.58 14.18 12.60
C ILE A 303 -8.38 14.10 13.53
N LEU A 304 -8.38 13.13 14.43
CA LEU A 304 -7.28 12.96 15.38
C LEU A 304 -5.99 12.54 14.69
N ILE A 305 -6.10 11.82 13.57
CA ILE A 305 -4.93 11.51 12.76
C ILE A 305 -4.39 12.81 12.15
N GLY A 306 -5.30 13.66 11.70
CA GLY A 306 -4.94 14.95 11.17
C GLY A 306 -4.24 15.81 12.22
N GLU A 307 -4.81 15.85 13.43
CA GLU A 307 -4.22 16.59 14.54
C GLU A 307 -2.82 16.10 14.85
N THR A 308 -2.63 14.79 14.84
CA THR A 308 -1.36 14.18 15.20
C THR A 308 -0.27 14.61 14.22
N ILE A 309 -0.55 14.50 12.94
CA ILE A 309 0.42 14.86 11.90
C ILE A 309 0.72 16.36 11.96
N LYS A 310 -0.32 17.16 12.15
CA LYS A 310 -0.16 18.60 12.32
C LYS A 310 0.79 18.93 13.46
N ILE A 311 0.53 18.36 14.62
CA ILE A 311 1.31 18.63 15.81
C ILE A 311 2.73 18.12 15.68
N VAL A 312 2.91 16.94 15.12
CA VAL A 312 4.25 16.37 14.97
C VAL A 312 5.12 17.26 14.09
N ILE A 313 4.57 17.73 12.98
CA ILE A 313 5.34 18.55 12.05
C ILE A 313 5.64 19.95 12.60
N GLU A 314 4.61 20.61 13.12
CA GLU A 314 4.70 22.05 13.40
C GLU A 314 5.09 22.37 14.84
N ASP A 315 5.10 21.37 15.72
CA ASP A 315 5.56 21.55 17.09
C ASP A 315 6.72 20.64 17.42
N TYR A 316 6.54 19.34 17.19
CA TYR A 316 7.53 18.33 17.57
C TYR A 316 8.80 18.41 16.71
N VAL A 317 8.64 18.23 15.40
CA VAL A 317 9.78 18.34 14.49
C VAL A 317 10.32 19.77 14.52
N GLN A 318 9.42 20.74 14.61
CA GLN A 318 9.78 22.15 14.67
C GLN A 318 10.80 22.40 15.79
N HIS A 319 10.48 21.92 16.99
CA HIS A 319 11.38 22.05 18.12
C HIS A 319 12.65 21.24 17.90
N LEU A 320 12.44 20.01 17.46
CA LEU A 320 13.49 19.04 17.24
C LEU A 320 14.57 19.56 16.29
N SER A 321 14.13 20.16 15.18
CA SER A 321 15.04 20.65 14.16
C SER A 321 15.86 21.84 14.63
N GLY A 322 15.28 22.67 15.49
CA GLY A 322 15.90 23.91 15.90
C GLY A 322 15.84 24.96 14.81
N TYR A 323 15.12 24.64 13.73
CA TYR A 323 15.03 25.53 12.58
C TYR A 323 14.26 26.80 12.94
N HIS A 324 14.69 27.93 12.37
CA HIS A 324 13.97 29.18 12.50
C HIS A 324 12.84 29.22 11.47
N PHE A 325 13.04 28.54 10.35
CA PHE A 325 11.99 28.38 9.36
C PHE A 325 10.83 27.60 9.96
N LYS A 326 9.61 28.09 9.71
CA LYS A 326 8.41 27.54 10.33
C LYS A 326 7.82 26.43 9.47
N LEU A 327 8.08 25.18 9.86
CA LEU A 327 7.59 24.02 9.12
C LEU A 327 6.07 24.05 9.05
N LYS A 328 5.53 23.44 8.00
CA LYS A 328 4.10 23.51 7.70
C LYS A 328 3.54 22.15 7.34
N PHE A 329 2.41 21.78 7.95
CA PHE A 329 1.65 20.63 7.51
C PHE A 329 0.62 21.09 6.50
N ASP A 330 0.85 20.75 5.23
CA ASP A 330 -0.03 21.16 4.16
C ASP A 330 0.08 20.20 2.98
N PRO A 331 -0.78 19.16 2.96
CA PRO A 331 -0.78 18.17 1.89
C PRO A 331 -0.87 18.76 0.48
N GLU A 332 -1.44 19.96 0.35
CA GLU A 332 -1.59 20.59 -0.95
C GLU A 332 -0.24 20.88 -1.60
N LEU A 333 0.81 20.97 -0.79
CA LEU A 333 2.15 21.23 -1.29
C LEU A 333 2.66 20.15 -2.24
N LEU A 334 2.12 18.94 -2.11
CA LEU A 334 2.61 17.79 -2.86
C LEU A 334 1.69 17.38 -4.02
N PHE A 335 0.58 18.08 -4.21
CA PHE A 335 -0.40 17.68 -5.22
C PHE A 335 0.11 17.84 -6.66
N ASN A 336 1.08 18.72 -6.87
CA ASN A 336 1.70 18.89 -8.19
C ASN A 336 3.03 18.16 -8.29
N LYS A 337 3.38 17.40 -7.26
CA LYS A 337 4.67 16.71 -7.20
C LYS A 337 4.51 15.22 -7.35
N GLN A 338 5.60 14.54 -7.67
CA GLN A 338 5.66 13.09 -7.59
C GLN A 338 5.83 12.69 -6.15
N PHE A 339 5.02 11.75 -5.70
CA PHE A 339 5.02 11.34 -4.31
C PHE A 339 4.12 10.12 -4.14
N GLN A 340 4.57 9.15 -3.35
CA GLN A 340 3.78 7.94 -3.09
C GLN A 340 3.09 8.04 -1.74
N TYR A 341 1.76 7.93 -1.76
CA TYR A 341 0.99 7.95 -0.52
C TYR A 341 0.90 6.55 0.05
N GLN A 342 2.04 6.09 0.57
CA GLN A 342 2.16 4.81 1.24
C GLN A 342 3.45 4.81 2.03
N ASN A 343 3.54 3.93 3.03
CA ASN A 343 4.74 3.85 3.86
C ASN A 343 4.96 2.45 4.40
N ARG A 344 6.22 2.17 4.72
CA ARG A 344 6.62 0.91 5.34
C ARG A 344 7.73 1.23 6.34
N ILE A 345 7.51 0.86 7.60
CA ILE A 345 8.42 1.24 8.67
C ILE A 345 9.76 0.54 8.57
N ALA A 346 10.82 1.33 8.53
CA ALA A 346 12.18 0.82 8.41
C ALA A 346 12.76 0.44 9.77
N ALA A 347 13.39 -0.72 9.83
CA ALA A 347 14.03 -1.20 11.05
C ALA A 347 15.08 -0.20 11.53
N GLU A 348 15.76 0.47 10.59
CA GLU A 348 16.80 1.42 10.94
C GLU A 348 16.20 2.65 11.61
N PHE A 349 15.01 3.03 11.15
CA PHE A 349 14.27 4.12 11.77
C PHE A 349 13.94 3.76 13.21
N ASN A 350 13.53 2.52 13.42
CA ASN A 350 13.29 2.00 14.77
C ASN A 350 14.55 2.13 15.61
N THR A 351 15.66 1.62 15.09
CA THR A 351 16.93 1.61 15.81
C THR A 351 17.37 3.02 16.22
N LEU A 352 17.38 3.95 15.27
CA LEU A 352 17.89 5.29 15.54
C LEU A 352 17.02 6.03 16.55
N TYR A 353 15.79 5.56 16.76
CA TYR A 353 14.85 6.27 17.63
C TYR A 353 14.94 5.83 19.09
N HIS A 354 15.93 5.01 19.44
CA HIS A 354 16.13 4.63 20.84
C HIS A 354 16.80 5.78 21.60
N TRP A 355 16.05 6.86 21.80
CA TRP A 355 16.56 8.05 22.45
C TRP A 355 16.46 7.97 23.97
N HIS A 356 17.04 6.92 24.55
CA HIS A 356 16.93 6.73 25.99
C HIS A 356 17.84 7.66 26.82
N PRO A 357 18.87 8.26 26.18
CA PRO A 357 19.56 9.33 26.91
C PRO A 357 18.67 10.53 27.26
N LEU A 358 17.48 10.62 26.66
CA LEU A 358 16.53 11.67 27.00
C LEU A 358 16.11 11.58 28.47
N LEU A 359 16.09 10.36 28.99
CA LEU A 359 15.50 10.10 30.29
C LEU A 359 16.33 10.69 31.44
N PRO A 360 15.66 11.26 32.45
CA PRO A 360 16.38 11.86 33.59
C PRO A 360 16.83 10.82 34.60
N ASP A 361 17.48 11.27 35.67
CA ASP A 361 17.90 10.37 36.74
C ASP A 361 16.72 10.06 37.65
N THR A 362 15.89 11.08 37.90
CA THR A 362 14.64 10.91 38.63
C THR A 362 13.54 11.68 37.92
N PHE A 363 12.29 11.28 38.16
CA PHE A 363 11.14 11.97 37.61
C PHE A 363 10.52 12.86 38.68
N GLN A 364 10.48 14.16 38.40
CA GLN A 364 10.01 15.14 39.37
C GLN A 364 8.60 15.62 39.04
N ILE A 365 7.61 15.06 39.74
CA ILE A 365 6.22 15.52 39.64
C ILE A 365 5.89 16.39 40.84
N HIS A 366 5.57 17.65 40.58
CA HIS A 366 5.29 18.60 41.65
C HIS A 366 6.52 18.71 42.56
N ASP A 367 6.34 18.60 43.87
CA ASP A 367 7.46 18.68 44.82
C ASP A 367 7.95 17.29 45.23
N GLN A 368 7.81 16.32 44.34
CA GLN A 368 8.25 14.95 44.62
C GLN A 368 9.22 14.43 43.58
N LYS A 369 10.18 13.62 44.02
CA LYS A 369 11.09 12.92 43.13
C LYS A 369 10.73 11.44 43.11
N TYR A 370 10.83 10.83 41.92
CA TYR A 370 10.60 9.39 41.76
C TYR A 370 11.73 8.75 41.00
N ASN A 371 12.34 7.73 41.58
CA ASN A 371 13.29 6.90 40.84
C ASN A 371 12.52 5.95 39.95
N TYR A 372 13.23 5.14 39.17
CA TYR A 372 12.60 4.29 38.18
C TYR A 372 11.78 3.15 38.79
N GLN A 373 12.23 2.62 39.93
CA GLN A 373 11.50 1.56 40.62
C GLN A 373 10.12 2.06 41.05
N GLN A 374 10.05 3.31 41.48
CA GLN A 374 8.81 3.91 41.94
C GLN A 374 7.90 4.34 40.79
N PHE A 375 8.51 4.71 39.67
CA PHE A 375 7.80 5.39 38.59
C PHE A 375 7.18 4.42 37.59
N ILE A 376 7.86 3.33 37.31
CA ILE A 376 7.42 2.40 36.26
C ILE A 376 6.23 1.56 36.72
N TYR A 377 5.25 1.42 35.82
CA TYR A 377 4.01 0.67 36.07
C TYR A 377 3.20 1.22 37.24
N ASN A 378 3.48 2.46 37.63
CA ASN A 378 2.82 3.09 38.76
C ASN A 378 1.81 4.17 38.34
N ASN A 379 0.60 3.74 37.97
CA ASN A 379 -0.45 4.68 37.58
C ASN A 379 -1.07 5.39 38.78
N SER A 380 -0.73 4.94 39.99
CA SER A 380 -1.18 5.62 41.20
C SER A 380 -0.58 7.03 41.25
N ILE A 381 0.60 7.18 40.68
CA ILE A 381 1.23 8.48 40.60
C ILE A 381 0.40 9.41 39.72
N LEU A 382 -0.19 8.84 38.67
CA LEU A 382 -0.97 9.63 37.73
C LEU A 382 -2.25 10.16 38.38
N LEU A 383 -2.94 9.31 39.14
CA LEU A 383 -4.17 9.73 39.81
C LEU A 383 -3.87 10.65 40.98
N GLU A 384 -2.75 10.40 41.67
CA GLU A 384 -2.36 11.19 42.82
C GLU A 384 -2.18 12.67 42.45
N HIS A 385 -1.46 12.92 41.37
CA HIS A 385 -1.13 14.28 40.97
C HIS A 385 -2.10 14.85 39.94
N GLY A 386 -2.65 13.98 39.10
CA GLY A 386 -3.57 14.40 38.05
C GLY A 386 -2.81 14.87 36.82
N ILE A 387 -3.52 14.99 35.70
CA ILE A 387 -2.89 15.32 34.43
C ILE A 387 -2.33 16.74 34.43
N THR A 388 -3.10 17.68 35.00
CA THR A 388 -2.69 19.08 35.04
C THR A 388 -1.29 19.23 35.65
N GLN A 389 -1.08 18.61 36.79
CA GLN A 389 0.21 18.67 37.47
C GLN A 389 1.29 17.99 36.64
N PHE A 390 0.94 16.88 36.00
CA PHE A 390 1.88 16.16 35.14
C PHE A 390 2.40 17.07 34.03
N VAL A 391 1.48 17.78 33.39
CA VAL A 391 1.85 18.71 32.33
C VAL A 391 2.75 19.81 32.89
N GLU A 392 2.32 20.41 34.00
CA GLU A 392 3.08 21.48 34.63
C GLU A 392 4.49 21.03 35.00
N SER A 393 4.62 19.78 35.44
CA SER A 393 5.89 19.24 35.89
C SER A 393 6.80 18.84 34.74
N PHE A 394 6.25 18.12 33.76
CA PHE A 394 7.03 17.66 32.62
C PHE A 394 7.49 18.82 31.74
N THR A 395 6.70 19.89 31.71
CA THR A 395 7.06 21.07 30.93
C THR A 395 8.33 21.73 31.48
N ARG A 396 8.49 21.66 32.80
CA ARG A 396 9.59 22.34 33.48
C ARG A 396 10.84 21.47 33.63
N GLN A 397 10.69 20.15 33.52
CA GLN A 397 11.82 19.25 33.68
C GLN A 397 12.58 19.06 32.37
N ILE A 398 13.90 19.19 32.44
CA ILE A 398 14.76 19.08 31.26
C ILE A 398 15.06 17.63 30.92
N ALA A 399 15.15 17.34 29.62
CA ALA A 399 15.55 16.02 29.15
C ALA A 399 17.06 15.99 28.93
N GLY A 400 17.60 14.80 28.69
CA GLY A 400 19.02 14.64 28.48
C GLY A 400 19.40 14.70 27.01
N ARG A 401 20.66 15.05 26.75
CA ARG A 401 21.18 15.13 25.39
C ARG A 401 21.39 13.73 24.82
N VAL A 402 21.07 13.54 23.54
CA VAL A 402 21.10 12.22 22.93
C VAL A 402 22.46 11.93 22.29
N ALA A 403 22.92 12.84 21.43
CA ALA A 403 24.25 12.71 20.84
C ALA A 403 25.29 13.20 21.86
N GLY A 404 26.56 12.91 21.60
CA GLY A 404 27.64 13.33 22.47
C GLY A 404 28.16 12.22 23.36
N GLY A 405 27.38 11.16 23.50
CA GLY A 405 27.82 9.97 24.21
C GLY A 405 27.65 10.03 25.72
N ARG A 406 27.77 8.87 26.36
CA ARG A 406 27.77 8.73 27.81
C ARG A 406 26.66 9.49 28.52
N ASN A 407 25.41 9.17 28.19
CA ASN A 407 24.27 9.80 28.83
C ASN A 407 23.06 8.88 28.93
N VAL A 408 23.28 7.58 28.74
CA VAL A 408 22.22 6.60 28.95
C VAL A 408 22.12 6.27 30.43
N PRO A 409 20.93 6.45 31.04
CA PRO A 409 20.84 6.15 32.47
C PRO A 409 21.07 4.66 32.76
N PRO A 410 21.69 4.33 33.91
CA PRO A 410 21.92 2.93 34.27
C PRO A 410 20.64 2.10 34.24
N ALA A 411 19.52 2.75 34.50
CA ALA A 411 18.22 2.08 34.61
C ALA A 411 17.85 1.33 33.33
N VAL A 412 18.13 1.94 32.18
CA VAL A 412 17.81 1.34 30.88
C VAL A 412 19.08 0.93 30.15
N GLN A 413 20.14 0.66 30.91
CA GLN A 413 21.42 0.24 30.35
C GLN A 413 21.27 -0.99 29.46
N LYS A 414 20.44 -1.93 29.88
CA LYS A 414 20.26 -3.17 29.14
C LYS A 414 19.49 -2.96 27.85
N VAL A 415 18.62 -1.95 27.84
CA VAL A 415 17.89 -1.62 26.63
C VAL A 415 18.87 -1.17 25.55
N SER A 416 19.87 -0.40 25.95
CA SER A 416 20.91 0.04 25.04
C SER A 416 21.66 -1.14 24.44
N GLN A 417 22.07 -2.08 25.29
CA GLN A 417 22.77 -3.26 24.83
C GLN A 417 21.90 -4.08 23.90
N ALA A 418 20.59 -4.10 24.17
CA ALA A 418 19.65 -4.85 23.35
C ALA A 418 19.62 -4.29 21.93
N SER A 419 19.66 -2.97 21.82
CA SER A 419 19.65 -2.31 20.51
C SER A 419 20.82 -2.77 19.66
N ILE A 420 22.01 -2.81 20.26
CA ILE A 420 23.21 -3.26 19.57
C ILE A 420 23.08 -4.72 19.17
N ASP A 421 22.74 -5.56 20.15
CA ASP A 421 22.62 -7.00 19.92
C ASP A 421 21.59 -7.31 18.84
N GLN A 422 20.42 -6.68 18.93
CA GLN A 422 19.35 -6.93 17.98
C GLN A 422 19.71 -6.46 16.57
N SER A 423 20.50 -5.40 16.47
CA SER A 423 20.92 -4.91 15.16
C SER A 423 21.93 -5.87 14.54
N ARG A 424 22.71 -6.52 15.38
CA ARG A 424 23.64 -7.55 14.92
C ARG A 424 22.88 -8.77 14.43
N GLN A 425 21.82 -9.14 15.16
CA GLN A 425 20.94 -10.23 14.73
C GLN A 425 20.40 -9.94 13.33
N MET A 426 19.99 -8.69 13.11
CA MET A 426 19.42 -8.29 11.84
C MET A 426 20.50 -7.96 10.80
N LYS A 427 21.76 -8.05 11.21
CA LYS A 427 22.88 -7.88 10.29
C LYS A 427 22.91 -6.52 9.61
N TYR A 428 22.94 -5.46 10.41
CA TYR A 428 23.06 -4.10 9.88
C TYR A 428 24.44 -3.87 9.28
N GLN A 429 24.47 -3.14 8.16
CA GLN A 429 25.75 -2.67 7.63
C GLN A 429 26.35 -1.64 8.58
N SER A 430 27.58 -1.23 8.31
CA SER A 430 28.30 -0.33 9.20
C SER A 430 27.69 1.07 9.21
N PHE A 431 28.14 1.88 10.16
CA PHE A 431 27.69 3.26 10.29
C PHE A 431 28.02 4.08 9.05
N ASN A 432 29.20 3.84 8.48
CA ASN A 432 29.63 4.60 7.30
C ASN A 432 28.88 4.21 6.04
N GLU A 433 28.43 2.96 5.97
CA GLU A 433 27.64 2.52 4.82
C GLU A 433 26.30 3.25 4.83
N TYR A 434 25.76 3.50 6.02
CA TYR A 434 24.50 4.19 6.15
C TYR A 434 24.66 5.69 5.91
N ARG A 435 25.86 6.21 6.19
CA ARG A 435 26.17 7.59 5.85
C ARG A 435 26.07 7.78 4.34
N LYS A 436 26.77 6.93 3.59
CA LYS A 436 26.78 7.00 2.14
C LYS A 436 25.39 6.81 1.56
N ARG A 437 24.59 5.97 2.19
CA ARG A 437 23.24 5.68 1.72
C ARG A 437 22.35 6.91 1.76
N PHE A 438 22.65 7.82 2.69
CA PHE A 438 21.89 9.06 2.81
C PHE A 438 22.76 10.27 2.43
N MET A 439 23.68 10.01 1.49
CA MET A 439 24.45 11.06 0.83
C MET A 439 25.28 11.90 1.80
N LEU A 440 25.93 11.24 2.75
CA LEU A 440 26.87 11.88 3.64
C LEU A 440 28.28 11.36 3.40
N LYS A 441 29.27 12.21 3.60
CA LYS A 441 30.66 11.80 3.53
C LYS A 441 30.96 10.83 4.66
N PRO A 442 31.53 9.66 4.36
CA PRO A 442 31.90 8.77 5.47
C PRO A 442 33.00 9.37 6.35
N TYR A 443 32.98 9.04 7.64
CA TYR A 443 33.99 9.53 8.56
C TYR A 443 35.31 8.79 8.37
N GLU A 444 36.40 9.55 8.29
CA GLU A 444 37.72 8.99 8.01
C GLU A 444 38.50 8.63 9.28
N SER A 445 37.92 8.93 10.45
CA SER A 445 38.58 8.62 11.71
C SER A 445 37.60 8.70 12.88
N PHE A 446 37.99 8.12 14.01
CA PHE A 446 37.15 8.11 15.19
C PHE A 446 37.06 9.51 15.81
N GLU A 447 38.07 10.34 15.53
CA GLU A 447 38.13 11.68 16.09
C GLU A 447 37.22 12.63 15.30
N GLU A 448 37.18 12.45 13.99
CA GLU A 448 36.28 13.22 13.14
C GLU A 448 34.83 12.93 13.51
N LEU A 449 34.57 11.69 13.90
CA LEU A 449 33.23 11.26 14.28
C LEU A 449 32.80 11.92 15.59
N THR A 450 33.60 11.75 16.64
CA THR A 450 33.22 12.23 17.97
C THR A 450 33.61 13.68 18.19
N GLY A 451 34.53 14.20 17.37
CA GLY A 451 35.02 15.56 17.53
C GLY A 451 35.62 15.75 18.91
N GLU A 452 36.31 14.71 19.36
CA GLU A 452 36.69 14.59 20.76
C GLU A 452 37.76 13.49 20.85
N LYS A 453 38.43 13.36 21.99
CA LYS A 453 39.61 12.50 22.09
C LYS A 453 39.43 11.23 22.94
N GLU A 454 38.65 11.30 24.01
CA GLU A 454 38.52 10.15 24.91
C GLU A 454 37.75 8.99 24.27
N MET A 455 36.50 9.25 23.90
CA MET A 455 35.64 8.24 23.30
C MET A 455 36.17 7.73 21.97
N SER A 456 36.75 8.65 21.18
CA SER A 456 37.34 8.27 19.90
C SER A 456 38.42 7.22 20.11
N ALA A 457 39.22 7.41 21.16
CA ALA A 457 40.24 6.45 21.53
C ALA A 457 39.60 5.14 21.98
N GLU A 458 38.51 5.26 22.73
CA GLU A 458 37.77 4.09 23.19
C GLU A 458 37.18 3.30 22.02
N LEU A 459 36.70 4.02 21.01
CA LEU A 459 36.10 3.39 19.84
C LEU A 459 37.14 2.61 19.04
N GLU A 460 38.28 3.23 18.80
CA GLU A 460 39.34 2.58 18.03
C GLU A 460 39.86 1.35 18.75
N ALA A 461 39.84 1.39 20.08
CA ALA A 461 40.29 0.24 20.87
C ALA A 461 39.31 -0.92 20.72
N LEU A 462 38.03 -0.59 20.54
CA LEU A 462 36.98 -1.60 20.40
C LEU A 462 36.83 -2.08 18.96
N TYR A 463 36.82 -1.13 18.02
CA TYR A 463 36.53 -1.45 16.62
C TYR A 463 37.78 -1.54 15.75
N GLY A 464 38.77 -0.71 16.04
CA GLY A 464 40.00 -0.68 15.26
C GLY A 464 39.86 0.13 13.99
N ASP A 465 38.88 -0.22 13.17
CA ASP A 465 38.63 0.45 11.90
C ASP A 465 37.38 1.32 12.00
N ILE A 466 37.47 2.55 11.52
CA ILE A 466 36.33 3.47 11.56
C ILE A 466 35.19 2.93 10.70
N ASP A 467 35.54 2.15 9.68
CA ASP A 467 34.53 1.53 8.81
C ASP A 467 33.88 0.32 9.48
N ALA A 468 34.31 0.00 10.70
CA ALA A 468 33.77 -1.14 11.43
C ALA A 468 32.82 -0.69 12.54
N VAL A 469 32.72 0.61 12.76
CA VAL A 469 31.82 1.12 13.79
C VAL A 469 30.38 0.84 13.41
N GLU A 470 29.60 0.37 14.38
CA GLU A 470 28.21 0.01 14.14
C GLU A 470 27.30 1.25 14.16
N LEU A 471 26.09 1.08 13.62
CA LEU A 471 25.16 2.19 13.45
C LEU A 471 24.74 2.84 14.77
N TYR A 472 24.16 2.04 15.67
CA TYR A 472 23.55 2.60 16.88
C TYR A 472 24.54 3.32 17.80
N PRO A 473 25.68 2.69 18.11
CA PRO A 473 26.62 3.36 19.02
C PRO A 473 27.15 4.67 18.44
N ALA A 474 27.45 4.66 17.14
CA ALA A 474 27.98 5.83 16.47
C ALA A 474 27.01 7.00 16.54
N LEU A 475 25.73 6.71 16.42
CA LEU A 475 24.69 7.75 16.47
C LEU A 475 24.69 8.49 17.79
N LEU A 476 25.00 7.79 18.88
CA LEU A 476 24.94 8.37 20.21
C LEU A 476 26.24 9.04 20.62
N VAL A 477 27.36 8.58 20.08
CA VAL A 477 28.66 9.19 20.38
C VAL A 477 29.02 10.26 19.35
N GLU A 478 28.17 10.46 18.36
CA GLU A 478 28.47 11.41 17.29
C GLU A 478 28.54 12.84 17.81
N LYS A 479 29.49 13.59 17.27
CA LYS A 479 29.59 15.02 17.52
C LYS A 479 28.25 15.71 17.25
N PRO A 480 27.63 16.29 18.30
CA PRO A 480 26.38 17.00 18.05
C PRO A 480 26.56 18.24 17.20
N ARG A 481 25.48 18.74 16.61
CA ARG A 481 25.49 20.06 16.01
C ARG A 481 25.67 21.08 17.14
N PRO A 482 26.08 22.31 16.81
CA PRO A 482 26.33 23.32 17.84
C PRO A 482 25.13 23.56 18.77
N ASP A 483 25.29 23.21 20.04
CA ASP A 483 24.21 23.32 21.02
C ASP A 483 22.94 22.62 20.54
N ALA A 484 23.12 21.53 19.81
CA ALA A 484 22.00 20.74 19.30
C ALA A 484 21.89 19.43 20.06
N ILE A 485 20.71 18.82 19.99
CA ILE A 485 20.46 17.57 20.69
C ILE A 485 21.01 16.38 19.90
N PHE A 486 21.09 16.54 18.58
CA PHE A 486 21.51 15.46 17.69
C PHE A 486 22.76 15.82 16.88
N GLY A 487 23.43 14.79 16.39
CA GLY A 487 24.51 14.94 15.44
C GLY A 487 23.95 14.91 14.02
N GLU A 488 24.82 15.12 13.05
CA GLU A 488 24.43 15.19 11.65
C GLU A 488 23.67 13.94 11.17
N THR A 489 24.21 12.77 11.49
CA THR A 489 23.70 11.53 10.92
C THR A 489 22.29 11.19 11.42
N MET A 490 22.02 11.46 12.69
CA MET A 490 20.69 11.21 13.26
C MET A 490 19.62 11.96 12.46
N VAL A 491 19.89 13.22 12.17
CA VAL A 491 18.94 14.06 11.44
C VAL A 491 18.78 13.61 9.99
N GLU A 492 19.89 13.47 9.28
CA GLU A 492 19.84 13.23 7.85
C GLU A 492 19.31 11.84 7.50
N VAL A 493 19.44 10.90 8.42
CA VAL A 493 18.90 9.56 8.24
C VAL A 493 17.45 9.50 8.73
N GLY A 494 17.16 10.22 9.81
CA GLY A 494 15.86 10.16 10.45
C GLY A 494 14.77 10.93 9.72
N ALA A 495 15.09 12.12 9.24
CA ALA A 495 14.09 13.02 8.66
C ALA A 495 13.30 12.40 7.50
N PRO A 496 13.97 11.68 6.60
CA PRO A 496 13.26 11.03 5.48
C PRO A 496 12.22 10.00 5.93
N PHE A 497 12.61 9.09 6.82
CA PHE A 497 11.67 8.12 7.37
C PHE A 497 10.46 8.81 7.98
N SER A 498 10.72 9.88 8.72
CA SER A 498 9.69 10.62 9.43
C SER A 498 8.69 11.26 8.48
N LEU A 499 9.20 12.06 7.55
CA LEU A 499 8.36 12.79 6.62
C LEU A 499 7.56 11.84 5.74
N LYS A 500 8.18 10.72 5.38
CA LYS A 500 7.54 9.74 4.53
C LYS A 500 6.39 9.06 5.26
N GLY A 501 6.53 8.91 6.58
CA GLY A 501 5.47 8.34 7.40
C GLY A 501 4.34 9.33 7.61
N LEU A 502 4.70 10.61 7.67
CA LEU A 502 3.73 11.66 7.94
C LEU A 502 2.92 12.04 6.70
N MET A 503 3.60 12.39 5.61
CA MET A 503 2.93 12.83 4.40
C MET A 503 2.46 11.65 3.54
N GLY A 504 3.02 10.48 3.80
CA GLY A 504 2.62 9.28 3.08
C GLY A 504 1.29 8.73 3.55
N ASN A 505 0.73 9.33 4.59
CA ASN A 505 -0.56 8.93 5.13
C ASN A 505 -1.69 9.19 4.15
N VAL A 506 -2.64 8.27 4.08
CA VAL A 506 -3.75 8.34 3.13
C VAL A 506 -4.55 9.64 3.22
N ILE A 507 -4.66 10.24 4.40
CA ILE A 507 -5.47 11.45 4.56
C ILE A 507 -4.81 12.65 3.86
N CYS A 508 -3.54 12.52 3.52
CA CYS A 508 -2.81 13.58 2.82
C CYS A 508 -3.00 13.48 1.31
N SER A 509 -3.58 12.37 0.84
CA SER A 509 -3.82 12.19 -0.58
C SER A 509 -4.98 13.08 -1.03
N PRO A 510 -4.97 13.52 -2.30
CA PRO A 510 -5.97 14.49 -2.78
C PRO A 510 -7.42 14.01 -2.66
N ALA A 511 -7.67 12.71 -2.78
CA ALA A 511 -9.03 12.19 -2.64
C ALA A 511 -9.56 12.37 -1.22
N TYR A 512 -8.67 12.36 -0.25
CA TYR A 512 -9.05 12.45 1.17
C TYR A 512 -9.01 13.86 1.73
N TRP A 513 -8.03 14.65 1.32
CA TRP A 513 -7.79 15.95 1.94
C TRP A 513 -8.88 16.94 1.51
N LYS A 514 -10.07 16.74 2.07
CA LYS A 514 -11.29 17.46 1.75
C LYS A 514 -12.02 17.74 3.05
N PRO A 515 -12.73 18.88 3.15
CA PRO A 515 -13.49 19.08 4.39
C PRO A 515 -14.56 18.01 4.62
N SER A 516 -15.18 17.51 3.54
CA SER A 516 -16.21 16.48 3.66
C SER A 516 -15.69 15.20 4.34
N THR A 517 -14.40 14.94 4.19
CA THR A 517 -13.79 13.76 4.79
C THR A 517 -13.82 13.85 6.32
N PHE A 518 -13.75 15.08 6.83
CA PHE A 518 -13.65 15.31 8.26
C PHE A 518 -14.92 15.95 8.83
N GLY A 519 -16.04 15.76 8.13
CA GLY A 519 -17.34 16.17 8.62
C GLY A 519 -17.73 17.60 8.30
N GLY A 520 -16.89 18.29 7.52
CA GLY A 520 -17.15 19.67 7.14
C GLY A 520 -16.00 20.58 7.52
N GLU A 521 -16.23 21.88 7.40
CA GLU A 521 -15.18 22.87 7.64
C GLU A 521 -14.76 22.95 9.10
N VAL A 522 -15.70 22.70 10.01
CA VAL A 522 -15.42 22.76 11.44
C VAL A 522 -14.44 21.65 11.81
N GLY A 523 -14.76 20.42 11.41
CA GLY A 523 -13.88 19.29 11.66
C GLY A 523 -12.54 19.50 10.98
N PHE A 524 -12.58 20.03 9.77
CA PHE A 524 -11.36 20.28 8.99
C PHE A 524 -10.48 21.29 9.71
N GLN A 525 -11.11 22.28 10.35
CA GLN A 525 -10.38 23.35 11.01
C GLN A 525 -9.68 22.87 12.28
N ILE A 526 -10.25 21.85 12.91
CA ILE A 526 -9.64 21.26 14.10
C ILE A 526 -8.25 20.77 13.75
N ILE A 527 -8.12 20.13 12.60
CA ILE A 527 -6.83 19.64 12.13
C ILE A 527 -5.88 20.81 11.89
N ASN A 528 -6.33 21.78 11.10
CA ASN A 528 -5.44 22.82 10.62
C ASN A 528 -5.14 23.91 11.65
N THR A 529 -5.76 23.84 12.82
CA THR A 529 -5.45 24.76 13.92
C THR A 529 -4.88 24.03 15.15
N ALA A 530 -4.54 22.76 14.98
CA ALA A 530 -4.07 21.95 16.11
C ALA A 530 -2.63 22.30 16.50
N SER A 531 -2.37 22.22 17.80
CA SER A 531 -1.03 22.41 18.33
C SER A 531 -0.91 21.63 19.65
N ILE A 532 0.31 21.38 20.09
CA ILE A 532 0.53 20.72 21.36
C ILE A 532 -0.12 21.53 22.48
N GLN A 533 -0.11 22.85 22.35
CA GLN A 533 -0.69 23.73 23.36
C GLN A 533 -2.22 23.63 23.38
N SER A 534 -2.83 23.64 22.20
CA SER A 534 -4.30 23.56 22.12
C SER A 534 -4.82 22.18 22.53
N LEU A 535 -4.02 21.14 22.28
CA LEU A 535 -4.37 19.80 22.72
C LEU A 535 -4.47 19.77 24.24
N ILE A 536 -3.45 20.30 24.89
CA ILE A 536 -3.42 20.38 26.36
C ILE A 536 -4.51 21.33 26.84
N CYS A 537 -4.62 22.48 26.20
CA CYS A 537 -5.57 23.51 26.61
C CYS A 537 -7.02 23.02 26.57
N ASN A 538 -7.34 22.18 25.58
CA ASN A 538 -8.70 21.70 25.40
C ASN A 538 -9.09 20.56 26.33
N ASN A 539 -8.11 19.78 26.76
CA ASN A 539 -8.38 18.52 27.48
C ASN A 539 -7.78 18.44 28.88
N VAL A 540 -7.07 19.48 29.29
CA VAL A 540 -6.45 19.51 30.61
C VAL A 540 -7.03 20.65 31.44
N LYS A 541 -7.45 20.33 32.66
CA LYS A 541 -8.07 21.28 33.56
C LYS A 541 -7.14 22.44 33.88
N GLY A 542 -7.65 23.66 33.78
CA GLY A 542 -6.87 24.84 34.07
C GLY A 542 -6.14 25.39 32.85
N CYS A 543 -6.09 24.60 31.79
CA CYS A 543 -5.43 25.00 30.55
C CYS A 543 -4.00 25.47 30.82
N PRO A 544 -3.16 24.60 31.35
CA PRO A 544 -1.80 25.01 31.72
C PRO A 544 -0.92 25.27 30.50
N PHE A 545 0.04 26.16 30.63
CA PHE A 545 1.01 26.40 29.57
C PHE A 545 1.82 25.13 29.36
N THR A 546 2.05 24.77 28.10
CA THR A 546 2.95 23.68 27.79
C THR A 546 3.72 23.95 26.51
N SER A 547 4.83 23.25 26.36
CA SER A 547 5.72 23.40 25.23
C SER A 547 6.67 22.21 25.24
N PHE A 548 7.44 22.03 24.17
CA PHE A 548 8.38 20.93 24.10
C PHE A 548 9.77 21.35 24.59
N SER A 549 9.90 22.61 24.98
CA SER A 549 11.12 23.09 25.60
C SER A 549 10.83 23.65 26.99
N VAL A 550 11.84 23.66 27.86
CA VAL A 550 11.66 24.22 29.18
C VAL A 550 11.61 25.75 29.10
N PRO A 551 10.79 26.39 29.96
CA PRO A 551 10.67 27.85 30.00
C PRO A 551 12.01 28.59 30.01
N ASN B 1 -32.63 10.48 4.37
CA ASN B 1 -31.26 10.84 4.03
C ASN B 1 -31.21 11.62 2.71
N PRO B 2 -30.85 12.91 2.78
CA PRO B 2 -30.96 13.76 1.59
C PRO B 2 -29.96 13.41 0.48
N CYS B 3 -28.94 12.64 0.82
CA CYS B 3 -27.94 12.22 -0.16
C CYS B 3 -28.41 11.03 -0.98
N CYS B 4 -29.57 10.48 -0.65
CA CYS B 4 -30.12 9.31 -1.33
C CYS B 4 -30.32 9.55 -2.83
N SER B 5 -30.53 10.81 -3.21
CA SER B 5 -30.78 11.15 -4.61
C SER B 5 -29.49 11.36 -5.39
N HIS B 6 -28.36 11.30 -4.70
CA HIS B 6 -27.06 11.52 -5.33
C HIS B 6 -27.01 12.90 -6.00
N PRO B 7 -27.22 13.97 -5.21
CA PRO B 7 -27.32 15.31 -5.77
C PRO B 7 -26.02 15.82 -6.39
N CYS B 8 -24.90 15.46 -5.77
CA CYS B 8 -23.61 16.00 -6.16
C CYS B 8 -23.10 15.41 -7.47
N GLN B 9 -22.82 16.29 -8.42
CA GLN B 9 -22.31 15.89 -9.74
C GLN B 9 -20.79 15.96 -9.80
N ASN B 10 -20.23 15.36 -10.84
CA ASN B 10 -18.81 15.51 -11.17
C ASN B 10 -17.86 15.21 -10.01
N ARG B 11 -18.15 14.13 -9.30
CA ARG B 11 -17.29 13.63 -8.21
C ARG B 11 -17.43 14.42 -6.92
N GLY B 12 -18.38 15.35 -6.86
CA GLY B 12 -18.63 16.08 -5.64
C GLY B 12 -19.04 15.13 -4.54
N VAL B 13 -18.55 15.36 -3.32
CA VAL B 13 -18.84 14.48 -2.20
C VAL B 13 -20.05 15.00 -1.42
N CYS B 14 -21.06 14.15 -1.30
CA CYS B 14 -22.29 14.52 -0.59
C CYS B 14 -22.15 14.26 0.90
N MET B 15 -22.67 15.19 1.68
CA MET B 15 -22.60 15.11 3.13
C MET B 15 -23.91 15.64 3.70
N SER B 16 -24.50 14.89 4.62
CA SER B 16 -25.72 15.35 5.26
C SER B 16 -25.39 16.46 6.24
N VAL B 17 -26.27 17.46 6.31
CA VAL B 17 -26.13 18.55 7.26
C VAL B 17 -27.47 18.72 7.96
N GLY B 18 -27.56 18.21 9.18
CA GLY B 18 -28.84 18.11 9.85
C GLY B 18 -29.64 17.01 9.19
N PHE B 19 -30.94 16.98 9.46
CA PHE B 19 -31.79 15.89 8.99
C PHE B 19 -32.37 16.11 7.60
N ASP B 20 -32.48 17.37 7.18
CA ASP B 20 -33.21 17.71 5.96
C ASP B 20 -32.36 18.38 4.88
N GLN B 21 -31.07 18.57 5.15
CA GLN B 21 -30.19 19.24 4.20
C GLN B 21 -28.93 18.44 3.89
N TYR B 22 -28.29 18.78 2.78
CA TYR B 22 -27.01 18.19 2.40
C TYR B 22 -26.05 19.28 1.96
N LYS B 23 -24.76 18.93 1.92
CA LYS B 23 -23.73 19.82 1.43
C LYS B 23 -22.84 19.07 0.45
N CYS B 24 -22.56 19.70 -0.69
CA CYS B 24 -21.71 19.09 -1.70
C CYS B 24 -20.31 19.68 -1.64
N ASP B 25 -19.33 18.81 -1.50
CA ASP B 25 -17.93 19.20 -1.50
C ASP B 25 -17.40 19.18 -2.93
N CYS B 26 -17.10 20.35 -3.47
CA CYS B 26 -16.72 20.48 -4.87
C CYS B 26 -15.21 20.55 -5.04
N THR B 27 -14.47 20.34 -3.95
CA THR B 27 -13.02 20.43 -3.96
C THR B 27 -12.36 19.67 -5.10
N ARG B 28 -11.61 20.40 -5.92
CA ARG B 28 -10.85 19.84 -7.04
C ARG B 28 -11.68 19.01 -8.01
N THR B 29 -12.97 19.33 -8.13
CA THR B 29 -13.83 18.67 -9.11
C THR B 29 -13.77 19.39 -10.47
N GLY B 30 -13.35 20.65 -10.46
CA GLY B 30 -13.39 21.48 -11.64
C GLY B 30 -14.74 22.18 -11.78
N PHE B 31 -15.59 21.99 -10.78
CA PHE B 31 -16.92 22.59 -10.78
C PHE B 31 -17.20 23.30 -9.45
N TYR B 32 -18.31 24.01 -9.40
CA TYR B 32 -18.78 24.63 -8.16
C TYR B 32 -20.29 24.78 -8.23
N GLY B 33 -20.87 25.28 -7.15
CA GLY B 33 -22.32 25.42 -7.03
C GLY B 33 -22.86 24.42 -6.04
N GLU B 34 -24.17 24.51 -5.77
CA GLU B 34 -24.81 23.67 -4.78
C GLU B 34 -24.60 22.18 -5.05
N ASN B 35 -24.56 21.81 -6.33
CA ASN B 35 -24.47 20.41 -6.73
C ASN B 35 -23.22 20.12 -7.56
N CYS B 36 -22.28 21.05 -7.57
CA CYS B 36 -21.05 20.91 -8.34
C CYS B 36 -21.34 20.68 -9.83
N SER B 37 -22.26 21.47 -10.38
CA SER B 37 -22.69 21.29 -11.76
C SER B 37 -22.32 22.47 -12.65
N THR B 38 -21.82 23.55 -12.05
CA THR B 38 -21.35 24.70 -12.83
C THR B 38 -19.85 24.56 -13.09
N PRO B 39 -19.44 24.57 -14.38
CA PRO B 39 -18.03 24.38 -14.68
C PRO B 39 -17.19 25.64 -14.51
N GLU B 40 -15.96 25.48 -14.03
CA GLU B 40 -14.99 26.57 -14.05
C GLU B 40 -14.53 26.73 -15.49
N PHE B 41 -13.79 27.80 -15.77
CA PHE B 41 -13.53 28.15 -17.17
C PHE B 41 -12.68 27.13 -17.91
N LEU B 42 -11.64 26.61 -17.28
CA LEU B 42 -10.76 25.65 -17.94
C LEU B 42 -11.47 24.32 -18.10
N THR B 43 -12.42 24.04 -17.22
CA THR B 43 -13.25 22.86 -17.34
C THR B 43 -14.08 22.97 -18.63
N ARG B 44 -14.64 24.16 -18.86
CA ARG B 44 -15.43 24.40 -20.06
C ARG B 44 -14.62 24.20 -21.32
N ILE B 45 -13.38 24.66 -21.31
CA ILE B 45 -12.48 24.48 -22.44
C ILE B 45 -12.16 23.01 -22.62
N LYS B 46 -11.86 22.32 -21.52
CA LYS B 46 -11.59 20.89 -21.57
C LYS B 46 -12.76 20.13 -22.19
N LEU B 47 -13.96 20.42 -21.70
CA LEU B 47 -15.15 19.73 -22.16
C LEU B 47 -15.45 20.03 -23.63
N PHE B 48 -15.19 21.27 -24.05
CA PHE B 48 -15.43 21.65 -25.43
C PHE B 48 -14.50 20.91 -26.38
N LEU B 49 -13.26 20.70 -25.95
CA LEU B 49 -12.24 20.08 -26.80
C LEU B 49 -12.26 18.56 -26.76
N LYS B 50 -12.75 17.98 -25.66
CA LYS B 50 -12.69 16.54 -25.47
C LYS B 50 -13.58 15.79 -26.46
N PRO B 51 -12.99 14.93 -27.32
CA PRO B 51 -13.81 14.09 -28.18
C PRO B 51 -14.52 12.99 -27.38
N THR B 52 -15.65 12.50 -27.88
CA THR B 52 -16.40 11.47 -27.18
C THR B 52 -15.65 10.14 -27.27
N PRO B 53 -15.81 9.26 -26.26
CA PRO B 53 -15.10 7.98 -26.31
C PRO B 53 -15.41 7.14 -27.56
N ASN B 54 -16.63 7.25 -28.08
CA ASN B 54 -16.99 6.52 -29.29
C ASN B 54 -16.22 7.05 -30.51
N THR B 55 -15.82 8.32 -30.45
CA THR B 55 -15.04 8.93 -31.52
C THR B 55 -13.61 8.46 -31.43
N VAL B 56 -13.06 8.50 -30.22
CA VAL B 56 -11.72 8.00 -29.97
C VAL B 56 -11.61 6.53 -30.36
N HIS B 57 -12.64 5.77 -30.04
CA HIS B 57 -12.69 4.35 -30.38
C HIS B 57 -12.69 4.14 -31.89
N TYR B 58 -13.48 4.95 -32.59
CA TYR B 58 -13.54 4.88 -34.05
C TYR B 58 -12.16 5.11 -34.64
N ILE B 59 -11.50 6.16 -34.17
CA ILE B 59 -10.20 6.56 -34.69
C ILE B 59 -9.13 5.50 -34.41
N LEU B 60 -9.19 4.89 -33.22
CA LEU B 60 -8.21 3.89 -32.83
C LEU B 60 -8.43 2.56 -33.56
N THR B 61 -9.63 2.35 -34.08
CA THR B 61 -9.98 1.09 -34.74
C THR B 61 -10.11 1.23 -36.26
N HIS B 62 -9.77 2.41 -36.78
CA HIS B 62 -9.73 2.64 -38.21
C HIS B 62 -8.37 3.22 -38.61
N PHE B 63 -8.20 3.47 -39.90
CA PHE B 63 -6.99 4.12 -40.40
C PHE B 63 -5.74 3.31 -40.06
N LYS B 64 -5.76 2.04 -40.44
CA LYS B 64 -4.68 1.10 -40.15
C LYS B 64 -3.33 1.59 -40.65
N GLY B 65 -3.31 2.12 -41.88
CA GLY B 65 -2.08 2.58 -42.50
C GLY B 65 -1.43 3.70 -41.71
N PHE B 66 -2.26 4.57 -41.15
CA PHE B 66 -1.79 5.67 -40.32
C PHE B 66 -1.14 5.15 -39.04
N TRP B 67 -1.76 4.17 -38.41
CA TRP B 67 -1.25 3.62 -37.17
C TRP B 67 0.01 2.80 -37.38
N ASN B 68 0.14 2.18 -38.56
CA ASN B 68 1.36 1.47 -38.91
C ASN B 68 2.56 2.40 -38.86
N VAL B 69 2.35 3.65 -39.24
CA VAL B 69 3.42 4.64 -39.20
C VAL B 69 3.66 5.10 -37.78
N VAL B 70 2.59 5.51 -37.10
CA VAL B 70 2.68 5.92 -35.69
C VAL B 70 3.37 4.84 -34.87
N ASN B 71 2.99 3.59 -35.09
CA ASN B 71 3.52 2.46 -34.35
C ASN B 71 5.04 2.34 -34.48
N ASN B 72 5.57 2.79 -35.62
CA ASN B 72 7.00 2.67 -35.91
C ASN B 72 7.76 3.96 -35.60
N ILE B 73 7.07 4.93 -35.00
CA ILE B 73 7.71 6.14 -34.51
C ILE B 73 7.71 6.07 -32.98
N PRO B 74 8.79 5.56 -32.38
CA PRO B 74 8.83 5.30 -30.93
C PRO B 74 8.43 6.50 -30.09
N PHE B 75 8.93 7.68 -30.48
CA PHE B 75 8.63 8.91 -29.75
C PHE B 75 7.14 9.15 -29.65
N LEU B 76 6.42 8.95 -30.76
CA LEU B 76 4.98 9.14 -30.80
C LEU B 76 4.25 8.03 -30.05
N ARG B 77 4.59 6.80 -30.37
CA ARG B 77 3.96 5.64 -29.76
C ARG B 77 4.05 5.71 -28.23
N ASN B 78 5.23 6.05 -27.73
CA ASN B 78 5.44 6.18 -26.29
C ASN B 78 4.58 7.29 -25.68
N ALA B 79 4.48 8.41 -26.38
CA ALA B 79 3.71 9.54 -25.89
C ALA B 79 2.22 9.19 -25.81
N ILE B 80 1.74 8.46 -26.81
CA ILE B 80 0.35 8.04 -26.85
C ILE B 80 0.07 7.03 -25.74
N MET B 81 0.91 6.00 -25.64
CA MET B 81 0.74 4.98 -24.62
C MET B 81 0.80 5.61 -23.24
N SER B 82 1.74 6.53 -23.05
CA SER B 82 1.88 7.24 -21.79
C SER B 82 0.61 8.01 -21.45
N TYR B 83 0.00 8.60 -22.47
CA TYR B 83 -1.23 9.34 -22.26
C TYR B 83 -2.40 8.41 -21.91
N VAL B 84 -2.46 7.28 -22.59
CA VAL B 84 -3.48 6.27 -22.30
C VAL B 84 -3.43 5.87 -20.84
N LEU B 85 -2.22 5.65 -20.32
CA LEU B 85 -2.04 5.18 -18.96
C LEU B 85 -2.46 6.22 -17.92
N THR B 86 -1.99 7.45 -18.08
CA THR B 86 -2.25 8.49 -17.08
C THR B 86 -3.70 8.99 -17.12
N SER B 87 -4.27 9.11 -18.32
CA SER B 87 -5.63 9.62 -18.46
C SER B 87 -6.64 8.65 -17.85
N ARG B 88 -6.49 7.36 -18.13
CA ARG B 88 -7.41 6.36 -17.60
C ARG B 88 -7.21 6.19 -16.09
N SER B 89 -5.95 6.26 -15.65
CA SER B 89 -5.63 6.05 -14.24
C SER B 89 -6.23 7.13 -13.33
N HIS B 90 -6.38 8.34 -13.85
CA HIS B 90 -6.93 9.45 -13.08
C HIS B 90 -8.36 9.18 -12.61
N LEU B 91 -9.01 8.20 -13.22
CA LEU B 91 -10.40 7.87 -12.90
C LEU B 91 -10.51 6.99 -11.66
N ILE B 92 -9.38 6.49 -11.20
CA ILE B 92 -9.35 5.62 -10.03
C ILE B 92 -8.76 6.36 -8.83
N ASP B 93 -9.46 6.30 -7.70
CA ASP B 93 -8.93 6.87 -6.47
C ASP B 93 -7.90 5.91 -5.87
N SER B 94 -6.70 6.43 -5.64
CA SER B 94 -5.59 5.63 -5.15
C SER B 94 -4.69 6.49 -4.26
N PRO B 95 -4.56 6.14 -2.97
CA PRO B 95 -5.16 5.02 -2.23
C PRO B 95 -6.69 5.03 -2.25
N PRO B 96 -7.30 3.85 -2.05
CA PRO B 96 -8.75 3.64 -2.23
C PRO B 96 -9.59 4.32 -1.16
N THR B 97 -10.90 4.35 -1.38
CA THR B 97 -11.80 5.09 -0.50
C THR B 97 -12.90 4.20 0.10
N TYR B 98 -14.02 4.06 -0.61
CA TYR B 98 -15.19 3.39 -0.05
C TYR B 98 -15.14 1.86 -0.18
N ASN B 99 -15.92 1.18 0.66
CA ASN B 99 -16.24 -0.22 0.44
C ASN B 99 -17.74 -0.44 0.73
N ALA B 100 -18.17 -1.69 0.78
CA ALA B 100 -19.58 -2.02 0.92
C ALA B 100 -20.21 -1.45 2.20
N ASP B 101 -19.40 -1.29 3.24
CA ASP B 101 -19.92 -0.89 4.54
C ASP B 101 -19.72 0.60 4.85
N TYR B 102 -19.08 1.34 3.96
CA TYR B 102 -18.81 2.75 4.21
C TYR B 102 -19.04 3.63 2.99
N GLY B 103 -20.06 4.47 3.06
CA GLY B 103 -20.35 5.45 2.02
C GLY B 103 -19.69 6.78 2.32
N TYR B 104 -18.83 6.78 3.33
CA TYR B 104 -18.02 7.93 3.67
C TYR B 104 -16.60 7.45 3.93
N LYS B 105 -15.62 8.32 3.73
CA LYS B 105 -14.23 7.97 3.99
C LYS B 105 -14.05 7.61 5.45
N SER B 106 -13.34 6.51 5.70
CA SER B 106 -13.05 6.07 7.05
C SER B 106 -11.79 5.24 7.07
N TRP B 107 -11.15 5.14 8.23
CA TRP B 107 -9.93 4.36 8.34
C TRP B 107 -10.21 2.87 8.18
N GLU B 108 -11.40 2.43 8.59
CA GLU B 108 -11.78 1.04 8.42
C GLU B 108 -11.85 0.69 6.93
N ALA B 109 -12.47 1.57 6.15
CA ALA B 109 -12.62 1.33 4.72
C ALA B 109 -11.29 1.38 4.00
N PHE B 110 -10.39 2.25 4.45
CA PHE B 110 -9.06 2.32 3.83
C PHE B 110 -8.16 1.17 4.25
N SER B 111 -8.13 0.87 5.54
CA SER B 111 -7.09 -0.01 6.10
C SER B 111 -7.39 -1.50 5.98
N ASN B 112 -8.67 -1.86 5.91
CA ASN B 112 -9.06 -3.27 5.94
C ASN B 112 -8.99 -3.90 4.54
N LEU B 113 -7.95 -4.70 4.33
CA LEU B 113 -7.66 -5.25 3.01
C LEU B 113 -8.58 -6.42 2.63
N SER B 114 -9.40 -6.88 3.57
CA SER B 114 -10.29 -8.00 3.31
C SER B 114 -11.48 -7.59 2.45
N TYR B 115 -11.76 -6.29 2.41
CA TYR B 115 -12.82 -5.75 1.57
C TYR B 115 -12.37 -5.53 0.13
N TYR B 116 -13.25 -5.81 -0.82
CA TYR B 116 -13.17 -5.16 -2.12
C TYR B 116 -13.44 -3.68 -1.90
N THR B 117 -12.72 -2.81 -2.59
CA THR B 117 -12.99 -1.37 -2.50
C THR B 117 -14.11 -1.01 -3.46
N ARG B 118 -14.54 0.24 -3.43
CA ARG B 118 -15.68 0.69 -4.23
C ARG B 118 -15.41 2.02 -4.95
N ALA B 119 -15.74 2.04 -6.25
CA ALA B 119 -15.58 3.23 -7.06
C ALA B 119 -16.69 4.22 -6.74
N LEU B 120 -17.89 3.71 -6.51
CA LEU B 120 -19.00 4.51 -6.02
C LEU B 120 -19.44 3.99 -4.66
N PRO B 121 -19.75 4.90 -3.73
CA PRO B 121 -20.16 4.44 -2.39
C PRO B 121 -21.47 3.67 -2.44
N PRO B 122 -21.71 2.80 -1.44
CA PRO B 122 -23.00 2.08 -1.36
C PRO B 122 -24.17 3.03 -1.18
N VAL B 123 -25.34 2.63 -1.66
CA VAL B 123 -26.55 3.38 -1.42
C VAL B 123 -26.83 3.34 0.08
N PRO B 124 -27.17 4.48 0.69
CA PRO B 124 -27.47 4.48 2.13
C PRO B 124 -28.57 3.49 2.50
N ASP B 125 -28.51 2.97 3.73
CA ASP B 125 -29.43 1.92 4.18
C ASP B 125 -30.89 2.37 4.16
N ASP B 126 -31.14 3.65 4.44
CA ASP B 126 -32.49 4.16 4.65
C ASP B 126 -32.97 5.03 3.50
N CYS B 127 -33.01 4.47 2.29
CA CYS B 127 -33.46 5.21 1.13
C CYS B 127 -34.86 4.77 0.69
N PRO B 128 -35.61 5.67 0.03
CA PRO B 128 -36.97 5.35 -0.41
C PRO B 128 -37.02 4.25 -1.48
N THR B 129 -35.94 4.06 -2.23
CA THR B 129 -35.83 2.94 -3.15
C THR B 129 -34.44 2.32 -2.99
N PRO B 130 -34.30 1.04 -3.37
CA PRO B 130 -33.01 0.36 -3.18
C PRO B 130 -31.83 0.99 -3.92
N LEU B 131 -32.10 1.84 -4.92
CA LEU B 131 -31.04 2.49 -5.68
C LEU B 131 -30.90 3.98 -5.35
N GLY B 132 -31.72 4.45 -4.41
CA GLY B 132 -31.71 5.85 -4.02
C GLY B 132 -33.10 6.42 -3.98
N VAL B 133 -33.56 6.96 -5.12
CA VAL B 133 -34.91 7.50 -5.22
C VAL B 133 -35.59 7.09 -6.53
N LYS B 134 -34.81 6.61 -7.49
CA LYS B 134 -35.33 6.18 -8.77
C LYS B 134 -35.79 4.72 -8.74
N GLY B 135 -36.72 4.38 -9.62
CA GLY B 135 -37.21 3.02 -9.75
C GLY B 135 -38.28 2.69 -8.72
N LYS B 136 -38.84 1.48 -8.83
CA LYS B 136 -39.87 1.03 -7.92
C LYS B 136 -39.30 0.75 -6.53
N LYS B 137 -40.17 0.39 -5.59
CA LYS B 137 -39.76 0.14 -4.22
C LYS B 137 -38.97 -1.17 -4.11
N GLN B 138 -39.24 -2.10 -5.04
CA GLN B 138 -38.51 -3.36 -5.11
C GLN B 138 -37.94 -3.55 -6.51
N LEU B 139 -36.71 -4.03 -6.59
CA LEU B 139 -36.08 -4.29 -7.87
C LEU B 139 -36.70 -5.50 -8.54
N PRO B 140 -36.53 -5.62 -9.87
CA PRO B 140 -37.10 -6.77 -10.59
C PRO B 140 -36.56 -8.10 -10.08
N ASP B 141 -37.35 -9.15 -10.22
CA ASP B 141 -36.91 -10.49 -9.84
C ASP B 141 -35.65 -10.87 -10.60
N SER B 142 -34.63 -11.32 -9.87
CA SER B 142 -33.35 -11.69 -10.45
C SER B 142 -33.50 -12.67 -11.61
N ASN B 143 -34.27 -13.72 -11.36
CA ASN B 143 -34.45 -14.79 -12.34
C ASN B 143 -35.19 -14.30 -13.60
N GLU B 144 -36.12 -13.37 -13.41
CA GLU B 144 -36.83 -12.78 -14.54
C GLU B 144 -35.86 -12.06 -15.48
N ILE B 145 -34.97 -11.24 -14.91
CA ILE B 145 -33.98 -10.51 -15.68
C ILE B 145 -33.11 -11.47 -16.49
N VAL B 146 -32.59 -12.48 -15.82
CA VAL B 146 -31.73 -13.47 -16.45
C VAL B 146 -32.44 -14.14 -17.62
N GLU B 147 -33.67 -14.61 -17.39
CA GLU B 147 -34.42 -15.33 -18.41
C GLU B 147 -34.83 -14.44 -19.57
N LYS B 148 -35.22 -13.20 -19.27
CA LYS B 148 -35.77 -12.31 -20.29
C LYS B 148 -34.72 -11.56 -21.11
N LEU B 149 -33.53 -11.34 -20.53
CA LEU B 149 -32.55 -10.45 -21.13
C LEU B 149 -31.16 -11.07 -21.34
N LEU B 150 -30.83 -12.11 -20.58
CA LEU B 150 -29.46 -12.62 -20.53
C LEU B 150 -29.30 -14.07 -21.00
N LEU B 151 -30.36 -14.86 -20.87
CA LEU B 151 -30.27 -16.28 -21.19
C LEU B 151 -30.08 -16.50 -22.70
N ARG B 152 -29.16 -17.40 -23.05
CA ARG B 152 -28.85 -17.69 -24.44
C ARG B 152 -29.86 -18.63 -25.09
N ARG B 153 -30.36 -18.25 -26.25
CA ARG B 153 -31.21 -19.13 -27.07
C ARG B 153 -30.36 -19.66 -28.22
N LYS B 154 -29.79 -18.73 -28.96
CA LYS B 154 -28.91 -19.02 -30.08
C LYS B 154 -27.53 -18.47 -29.75
N PHE B 155 -26.50 -19.30 -29.90
CA PHE B 155 -25.15 -18.86 -29.59
C PHE B 155 -24.76 -17.73 -30.52
N ILE B 156 -24.23 -16.65 -29.95
CA ILE B 156 -23.80 -15.50 -30.72
C ILE B 156 -22.27 -15.39 -30.64
N PRO B 157 -21.57 -15.67 -31.75
CA PRO B 157 -20.11 -15.62 -31.72
C PRO B 157 -19.57 -14.20 -31.59
N ASP B 158 -18.39 -14.07 -30.98
CA ASP B 158 -17.74 -12.77 -30.86
C ASP B 158 -17.27 -12.30 -32.24
N PRO B 159 -17.71 -11.11 -32.68
CA PRO B 159 -17.30 -10.66 -34.01
C PRO B 159 -15.83 -10.25 -34.08
N GLN B 160 -15.19 -10.04 -32.93
CA GLN B 160 -13.76 -9.71 -32.89
C GLN B 160 -12.92 -10.98 -33.03
N GLY B 161 -13.57 -12.14 -32.96
CA GLY B 161 -12.90 -13.40 -33.22
C GLY B 161 -12.23 -14.02 -32.01
N SER B 162 -12.57 -13.56 -30.81
CA SER B 162 -12.00 -14.12 -29.58
C SER B 162 -12.18 -15.63 -29.53
N ASN B 163 -11.14 -16.34 -29.14
CA ASN B 163 -11.19 -17.79 -29.06
C ASN B 163 -11.15 -18.29 -27.61
N MET B 164 -11.09 -19.60 -27.41
CA MET B 164 -11.15 -20.15 -26.07
C MET B 164 -9.83 -19.96 -25.32
N MET B 165 -8.75 -19.77 -26.05
CA MET B 165 -7.49 -19.40 -25.43
C MET B 165 -7.66 -18.05 -24.74
N PHE B 166 -8.43 -17.15 -25.36
CA PHE B 166 -8.70 -15.84 -24.79
C PHE B 166 -9.63 -15.94 -23.58
N ALA B 167 -10.68 -16.74 -23.71
CA ALA B 167 -11.68 -16.87 -22.65
C ALA B 167 -11.07 -17.46 -21.36
N PHE B 168 -10.29 -18.53 -21.50
CA PHE B 168 -9.70 -19.17 -20.33
C PHE B 168 -8.52 -18.39 -19.77
N PHE B 169 -7.85 -17.63 -20.63
CA PHE B 169 -6.80 -16.74 -20.15
C PHE B 169 -7.43 -15.66 -19.27
N ALA B 170 -8.56 -15.13 -19.73
CA ALA B 170 -9.31 -14.15 -18.97
C ALA B 170 -9.69 -14.71 -17.61
N GLN B 171 -10.27 -15.90 -17.59
CA GLN B 171 -10.69 -16.54 -16.35
C GLN B 171 -9.49 -16.81 -15.44
N HIS B 172 -8.42 -17.36 -16.03
CA HIS B 172 -7.24 -17.73 -15.28
C HIS B 172 -6.57 -16.51 -14.66
N PHE B 173 -6.30 -15.51 -15.50
CA PHE B 173 -5.60 -14.30 -15.08
C PHE B 173 -6.34 -13.52 -13.99
N THR B 174 -7.63 -13.29 -14.19
CA THR B 174 -8.39 -12.44 -13.28
C THR B 174 -8.70 -13.12 -11.95
N HIS B 175 -8.68 -14.45 -11.94
CA HIS B 175 -9.04 -15.19 -10.73
C HIS B 175 -7.90 -15.21 -9.71
N GLN B 176 -6.83 -14.46 -9.98
CA GLN B 176 -5.81 -14.26 -8.96
C GLN B 176 -6.17 -13.08 -8.06
N PHE B 177 -6.97 -12.14 -8.57
CA PHE B 177 -7.42 -11.00 -7.75
C PHE B 177 -8.94 -10.91 -7.58
N PHE B 178 -9.70 -11.69 -8.34
CA PHE B 178 -11.12 -11.89 -8.04
C PHE B 178 -11.25 -13.20 -7.26
N LYS B 179 -11.25 -13.09 -5.93
CA LYS B 179 -11.27 -14.24 -5.04
C LYS B 179 -12.25 -14.00 -3.91
N THR B 180 -13.52 -13.98 -4.26
CA THR B 180 -14.59 -13.64 -3.34
C THR B 180 -14.65 -14.60 -2.16
N ASP B 181 -14.62 -14.06 -0.95
CA ASP B 181 -14.67 -14.86 0.28
C ASP B 181 -16.11 -15.05 0.70
N HIS B 182 -16.74 -16.12 0.21
CA HIS B 182 -18.17 -16.31 0.42
C HIS B 182 -18.50 -16.75 1.85
N LYS B 183 -17.48 -17.16 2.61
CA LYS B 183 -17.65 -17.36 4.04
C LYS B 183 -18.10 -16.05 4.69
N ARG B 184 -17.51 -14.95 4.23
CA ARG B 184 -17.79 -13.63 4.77
C ARG B 184 -18.95 -12.95 4.06
N GLY B 185 -18.96 -13.04 2.74
CA GLY B 185 -19.92 -12.35 1.91
C GLY B 185 -19.27 -11.81 0.66
N PRO B 186 -20.08 -11.37 -0.31
CA PRO B 186 -19.58 -10.88 -1.60
C PRO B 186 -18.70 -9.63 -1.49
N ALA B 187 -18.77 -8.93 -0.37
CA ALA B 187 -18.01 -7.69 -0.17
C ALA B 187 -16.54 -7.97 0.12
N PHE B 188 -16.21 -9.22 0.41
CA PHE B 188 -14.89 -9.58 0.90
C PHE B 188 -14.09 -10.43 -0.10
N THR B 189 -12.77 -10.33 0.00
CA THR B 189 -11.86 -11.03 -0.89
C THR B 189 -10.78 -11.78 -0.14
N ASN B 190 -10.28 -12.85 -0.73
CA ASN B 190 -9.13 -13.58 -0.19
C ASN B 190 -7.82 -13.16 -0.84
N GLY B 191 -7.91 -12.30 -1.85
CA GLY B 191 -6.74 -11.82 -2.57
C GLY B 191 -6.19 -10.55 -1.95
N LEU B 192 -5.48 -10.70 -0.84
CA LEU B 192 -5.00 -9.55 -0.07
C LEU B 192 -3.82 -8.86 -0.74
N GLY B 193 -3.33 -9.43 -1.84
CA GLY B 193 -2.31 -8.78 -2.64
C GLY B 193 -2.93 -7.71 -3.51
N HIS B 194 -4.22 -7.84 -3.77
CA HIS B 194 -4.99 -6.86 -4.54
C HIS B 194 -4.32 -6.49 -5.85
N GLY B 195 -4.00 -7.51 -6.65
CA GLY B 195 -3.44 -7.29 -7.96
C GLY B 195 -2.75 -8.51 -8.53
N VAL B 196 -1.74 -8.26 -9.35
CA VAL B 196 -1.06 -9.32 -10.07
C VAL B 196 0.17 -9.80 -9.29
N ASP B 197 -0.06 -10.62 -8.28
CA ASP B 197 1.02 -11.19 -7.48
C ASP B 197 1.27 -12.66 -7.84
N LEU B 198 0.44 -13.19 -8.73
CA LEU B 198 0.56 -14.57 -9.19
C LEU B 198 0.36 -15.56 -8.04
N ASN B 199 -0.53 -15.23 -7.11
CA ASN B 199 -0.89 -16.14 -6.04
C ASN B 199 -1.63 -17.36 -6.56
N HIS B 200 -2.23 -17.21 -7.75
CA HIS B 200 -2.96 -18.31 -8.35
C HIS B 200 -1.99 -19.38 -8.90
N ILE B 201 -0.70 -19.08 -8.86
CA ILE B 201 0.35 -20.06 -9.17
C ILE B 201 1.08 -20.49 -7.91
N TYR B 202 1.45 -19.53 -7.07
CA TYR B 202 2.32 -19.78 -5.93
C TYR B 202 1.59 -19.92 -4.60
N GLY B 203 0.31 -19.55 -4.57
CA GLY B 203 -0.46 -19.58 -3.35
C GLY B 203 -0.50 -18.24 -2.66
N GLU B 204 -1.61 -17.98 -1.98
CA GLU B 204 -1.82 -16.72 -1.28
C GLU B 204 -0.91 -16.59 -0.06
N THR B 205 -0.82 -17.66 0.73
CA THR B 205 -0.05 -17.65 1.97
C THR B 205 1.31 -18.33 1.79
N LEU B 206 2.23 -18.03 2.70
CA LEU B 206 3.54 -18.66 2.68
C LEU B 206 3.43 -20.15 2.95
N ALA B 207 2.49 -20.53 3.81
CA ALA B 207 2.28 -21.92 4.15
C ALA B 207 1.93 -22.73 2.91
N ARG B 208 1.04 -22.19 2.08
CA ARG B 208 0.61 -22.88 0.87
C ARG B 208 1.75 -22.92 -0.14
N GLN B 209 2.48 -21.80 -0.26
CA GLN B 209 3.65 -21.72 -1.14
C GLN B 209 4.64 -22.84 -0.83
N ARG B 210 4.86 -23.10 0.45
CA ARG B 210 5.84 -24.08 0.88
C ARG B 210 5.41 -25.50 0.52
N LYS B 211 4.10 -25.73 0.53
CA LYS B 211 3.56 -27.03 0.13
C LYS B 211 3.80 -27.30 -1.36
N LEU B 212 3.74 -26.23 -2.16
CA LEU B 212 3.81 -26.36 -3.61
C LEU B 212 5.25 -26.37 -4.13
N ARG B 213 6.18 -25.82 -3.35
CA ARG B 213 7.56 -25.71 -3.79
C ARG B 213 8.33 -27.01 -3.62
N LEU B 214 9.38 -27.18 -4.42
CA LEU B 214 10.22 -28.37 -4.38
C LEU B 214 11.43 -28.16 -3.49
N PHE B 215 11.80 -26.89 -3.32
CA PHE B 215 12.95 -26.50 -2.51
C PHE B 215 14.25 -27.10 -3.05
N LYS B 216 14.24 -27.39 -4.35
CA LYS B 216 15.46 -27.68 -5.10
C LYS B 216 15.47 -26.80 -6.33
N ASP B 217 16.56 -26.04 -6.50
CA ASP B 217 16.75 -25.21 -7.69
C ASP B 217 15.64 -24.17 -7.89
N GLY B 218 14.99 -23.78 -6.80
CA GLY B 218 13.97 -22.75 -6.84
C GLY B 218 12.68 -23.17 -7.49
N LYS B 219 12.53 -24.46 -7.77
CA LYS B 219 11.43 -24.95 -8.58
C LYS B 219 10.18 -25.30 -7.79
N MET B 220 9.09 -25.51 -8.53
CA MET B 220 7.82 -25.94 -7.97
C MET B 220 7.67 -27.43 -8.21
N LYS B 221 6.99 -28.12 -7.29
CA LYS B 221 6.75 -29.56 -7.44
C LYS B 221 6.02 -29.84 -8.75
N TYR B 222 6.19 -31.05 -9.26
CA TYR B 222 5.52 -31.46 -10.49
C TYR B 222 5.50 -32.96 -10.63
N GLN B 223 4.75 -33.41 -11.64
CA GLN B 223 4.71 -34.80 -12.03
C GLN B 223 5.16 -34.91 -13.48
N ILE B 224 5.66 -36.07 -13.87
CA ILE B 224 5.94 -36.37 -15.27
C ILE B 224 4.96 -37.43 -15.74
N ILE B 225 4.01 -37.02 -16.57
CA ILE B 225 2.99 -37.91 -17.10
C ILE B 225 3.06 -37.91 -18.61
N ASP B 226 3.23 -39.11 -19.19
CA ASP B 226 3.43 -39.27 -20.62
C ASP B 226 4.48 -38.30 -21.15
N GLY B 227 5.60 -38.21 -20.44
CA GLY B 227 6.75 -37.47 -20.89
C GLY B 227 6.74 -35.98 -20.64
N GLU B 228 5.64 -35.46 -20.09
CA GLU B 228 5.48 -34.01 -19.92
C GLU B 228 5.24 -33.59 -18.48
N MET B 229 5.54 -32.33 -18.18
CA MET B 229 5.43 -31.81 -16.83
C MET B 229 4.00 -31.35 -16.51
N TYR B 230 3.49 -31.82 -15.37
CA TYR B 230 2.17 -31.43 -14.88
C TYR B 230 2.27 -31.03 -13.42
N PRO B 231 1.24 -30.33 -12.91
CA PRO B 231 1.27 -29.97 -11.49
C PRO B 231 1.19 -31.20 -10.59
N PRO B 232 1.60 -31.05 -9.32
CA PRO B 232 1.57 -32.15 -8.36
C PRO B 232 0.15 -32.39 -7.85
N THR B 233 -0.03 -33.36 -6.96
CA THR B 233 -1.35 -33.68 -6.44
C THR B 233 -1.56 -33.11 -5.05
N VAL B 234 -2.81 -33.13 -4.61
CA VAL B 234 -3.17 -32.78 -3.24
C VAL B 234 -2.44 -33.68 -2.25
N LYS B 235 -2.35 -34.97 -2.57
CA LYS B 235 -1.68 -35.94 -1.70
C LYS B 235 -0.23 -35.57 -1.45
N ASP B 236 0.51 -35.34 -2.52
CA ASP B 236 1.94 -35.09 -2.43
C ASP B 236 2.26 -33.75 -1.79
N THR B 237 1.43 -32.74 -2.03
CA THR B 237 1.67 -31.39 -1.54
C THR B 237 1.01 -31.10 -0.20
N GLN B 238 -0.14 -31.74 0.04
CA GLN B 238 -1.01 -31.44 1.19
C GLN B 238 -1.66 -30.07 1.05
N ALA B 239 -1.62 -29.51 -0.16
CA ALA B 239 -2.29 -28.25 -0.46
C ALA B 239 -3.73 -28.50 -0.87
N GLU B 240 -4.67 -28.01 -0.07
CA GLU B 240 -6.08 -28.26 -0.31
C GLU B 240 -6.57 -27.71 -1.65
N MET B 241 -7.51 -28.42 -2.26
CA MET B 241 -8.14 -28.00 -3.49
C MET B 241 -9.63 -28.30 -3.44
N ILE B 242 -10.40 -27.56 -4.24
CA ILE B 242 -11.84 -27.82 -4.35
C ILE B 242 -12.09 -28.87 -5.42
N TYR B 243 -12.49 -30.06 -4.99
CA TYR B 243 -12.81 -31.15 -5.91
C TYR B 243 -14.05 -31.90 -5.45
N PRO B 244 -14.95 -32.24 -6.39
CA PRO B 244 -16.05 -33.12 -5.99
C PRO B 244 -15.57 -34.52 -5.65
N PRO B 245 -16.32 -35.27 -4.83
CA PRO B 245 -15.91 -36.61 -4.39
C PRO B 245 -15.57 -37.57 -5.54
N GLN B 246 -16.20 -37.37 -6.69
CA GLN B 246 -16.04 -38.28 -7.82
C GLN B 246 -14.60 -38.34 -8.31
N VAL B 247 -13.94 -37.18 -8.34
CA VAL B 247 -12.57 -37.10 -8.84
C VAL B 247 -11.65 -38.01 -8.04
N PRO B 248 -10.97 -38.96 -8.72
CA PRO B 248 -10.03 -39.79 -7.97
C PRO B 248 -8.81 -39.01 -7.49
N GLU B 249 -8.25 -39.44 -6.36
CA GLU B 249 -7.11 -38.78 -5.72
C GLU B 249 -5.99 -38.38 -6.70
N HIS B 250 -5.52 -39.34 -7.48
CA HIS B 250 -4.36 -39.12 -8.34
C HIS B 250 -4.62 -38.11 -9.45
N LEU B 251 -5.88 -37.72 -9.64
CA LEU B 251 -6.23 -36.70 -10.61
C LEU B 251 -6.47 -35.34 -9.97
N ARG B 252 -6.35 -35.27 -8.64
CA ARG B 252 -6.57 -34.01 -7.93
C ARG B 252 -5.31 -33.15 -7.95
N PHE B 253 -5.10 -32.48 -9.07
CA PHE B 253 -3.95 -31.59 -9.23
C PHE B 253 -4.01 -30.42 -8.27
N ALA B 254 -2.85 -30.04 -7.74
CA ALA B 254 -2.75 -28.94 -6.79
C ALA B 254 -1.97 -27.78 -7.37
N VAL B 255 -2.60 -26.61 -7.38
CA VAL B 255 -1.96 -25.39 -7.86
C VAL B 255 -2.28 -24.23 -6.91
N GLY B 256 -1.76 -23.05 -7.23
CA GLY B 256 -1.92 -21.88 -6.39
C GLY B 256 -3.35 -21.59 -6.00
N GLN B 257 -4.22 -21.49 -7.00
CA GLN B 257 -5.64 -21.20 -6.77
C GLN B 257 -6.41 -22.48 -6.48
N GLU B 258 -7.17 -22.46 -5.38
CA GLU B 258 -7.90 -23.64 -4.92
C GLU B 258 -9.02 -24.08 -5.87
N VAL B 259 -9.48 -23.18 -6.73
CA VAL B 259 -10.65 -23.44 -7.55
C VAL B 259 -10.33 -23.86 -8.98
N PHE B 260 -9.03 -23.88 -9.32
CA PHE B 260 -8.63 -24.05 -10.72
C PHE B 260 -8.80 -25.49 -11.22
N GLY B 261 -9.28 -26.37 -10.36
CA GLY B 261 -9.66 -27.71 -10.79
C GLY B 261 -11.04 -27.70 -11.41
N LEU B 262 -11.72 -26.56 -11.35
CA LEU B 262 -13.07 -26.40 -11.87
C LEU B 262 -13.19 -26.82 -13.33
N VAL B 263 -12.33 -26.27 -14.19
CA VAL B 263 -12.33 -26.60 -15.60
C VAL B 263 -10.93 -26.91 -16.12
N PRO B 264 -10.82 -27.84 -17.10
CA PRO B 264 -9.52 -28.20 -17.68
C PRO B 264 -8.81 -27.01 -18.35
N GLY B 265 -9.59 -26.03 -18.79
CA GLY B 265 -9.03 -24.85 -19.42
C GLY B 265 -8.19 -24.05 -18.45
N LEU B 266 -8.62 -24.01 -17.19
CA LEU B 266 -7.86 -23.35 -16.15
C LEU B 266 -6.63 -24.17 -15.81
N MET B 267 -6.81 -25.47 -15.70
CA MET B 267 -5.72 -26.37 -15.35
C MET B 267 -4.67 -26.38 -16.46
N MET B 268 -5.09 -26.08 -17.69
CA MET B 268 -4.16 -25.96 -18.81
C MET B 268 -3.20 -24.80 -18.57
N TYR B 269 -3.74 -23.62 -18.31
CA TYR B 269 -2.89 -22.45 -18.09
C TYR B 269 -2.05 -22.60 -16.83
N ALA B 270 -2.63 -23.22 -15.80
CA ALA B 270 -1.89 -23.50 -14.59
C ALA B 270 -0.70 -24.39 -14.91
N THR B 271 -0.93 -25.40 -15.74
CA THR B 271 0.14 -26.28 -16.20
C THR B 271 1.19 -25.50 -16.98
N ILE B 272 0.75 -24.68 -17.92
CA ILE B 272 1.65 -23.89 -18.76
C ILE B 272 2.53 -22.97 -17.91
N TRP B 273 1.90 -22.25 -16.98
CA TRP B 273 2.63 -21.30 -16.15
C TRP B 273 3.57 -22.01 -15.17
N LEU B 274 3.18 -23.19 -14.70
CA LEU B 274 4.07 -23.99 -13.86
C LEU B 274 5.34 -24.35 -14.60
N ARG B 275 5.19 -24.80 -15.85
CA ARG B 275 6.32 -25.14 -16.69
C ARG B 275 7.23 -23.93 -16.91
N GLU B 276 6.62 -22.76 -17.09
CA GLU B 276 7.37 -21.54 -17.29
C GLU B 276 8.24 -21.21 -16.07
N HIS B 277 7.69 -21.37 -14.87
CA HIS B 277 8.46 -21.09 -13.67
C HIS B 277 9.70 -21.97 -13.59
N ASN B 278 9.52 -23.27 -13.82
CA ASN B 278 10.64 -24.19 -13.73
C ASN B 278 11.61 -24.01 -14.90
N ARG B 279 11.09 -23.55 -16.04
CA ARG B 279 11.95 -23.20 -17.16
C ARG B 279 12.83 -21.99 -16.82
N VAL B 280 12.23 -20.98 -16.20
CA VAL B 280 12.97 -19.77 -15.83
C VAL B 280 14.00 -20.11 -14.77
N CYS B 281 13.70 -21.07 -13.90
CA CYS B 281 14.64 -21.53 -12.91
C CYS B 281 15.89 -22.11 -13.57
N ASP B 282 15.68 -22.92 -14.61
CA ASP B 282 16.79 -23.48 -15.38
C ASP B 282 17.65 -22.37 -15.96
N VAL B 283 17.00 -21.37 -16.56
CA VAL B 283 17.72 -20.24 -17.15
C VAL B 283 18.56 -19.53 -16.10
N LEU B 284 17.96 -19.20 -14.97
CA LEU B 284 18.63 -18.41 -13.94
C LEU B 284 19.80 -19.17 -13.30
N LYS B 285 19.68 -20.49 -13.23
CA LYS B 285 20.75 -21.30 -12.65
C LYS B 285 21.99 -21.26 -13.52
N GLN B 286 21.79 -21.28 -14.83
CA GLN B 286 22.88 -21.14 -15.78
C GLN B 286 23.54 -19.78 -15.60
N GLU B 287 22.73 -18.76 -15.30
CA GLU B 287 23.23 -17.41 -15.11
C GLU B 287 23.89 -17.26 -13.76
N HIS B 288 23.37 -17.98 -12.77
CA HIS B 288 23.84 -17.84 -11.39
C HIS B 288 24.04 -19.19 -10.72
N PRO B 289 25.11 -19.89 -11.09
CA PRO B 289 25.41 -21.19 -10.47
C PRO B 289 25.66 -21.07 -8.96
N GLU B 290 25.81 -19.84 -8.46
CA GLU B 290 26.10 -19.60 -7.05
C GLU B 290 24.83 -19.35 -6.23
N TRP B 291 23.68 -19.24 -6.90
CA TRP B 291 22.43 -18.94 -6.22
C TRP B 291 21.81 -20.16 -5.55
N GLY B 292 21.22 -19.92 -4.38
CA GLY B 292 20.49 -20.96 -3.67
C GLY B 292 19.08 -21.12 -4.19
N ASP B 293 18.39 -22.13 -3.69
CA ASP B 293 17.00 -22.39 -4.07
C ASP B 293 16.09 -21.19 -3.84
N GLU B 294 16.31 -20.48 -2.73
CA GLU B 294 15.43 -19.39 -2.36
C GLU B 294 15.46 -18.25 -3.38
N GLN B 295 16.65 -17.76 -3.71
CA GLN B 295 16.76 -16.62 -4.62
C GLN B 295 16.32 -17.01 -6.04
N LEU B 296 16.55 -18.27 -6.41
CA LEU B 296 16.10 -18.77 -7.70
C LEU B 296 14.58 -18.75 -7.80
N PHE B 297 13.91 -19.21 -6.74
CA PHE B 297 12.45 -19.18 -6.70
C PHE B 297 11.91 -17.76 -6.77
N GLN B 298 12.36 -16.92 -5.86
CA GLN B 298 11.87 -15.55 -5.75
C GLN B 298 12.11 -14.76 -7.04
N THR B 299 13.30 -14.89 -7.60
CA THR B 299 13.65 -14.14 -8.80
C THR B 299 12.82 -14.61 -9.99
N SER B 300 12.52 -15.91 -10.03
CA SER B 300 11.67 -16.46 -11.08
C SER B 300 10.26 -15.88 -11.00
N ARG B 301 9.76 -15.74 -9.78
CA ARG B 301 8.42 -15.21 -9.57
C ARG B 301 8.33 -13.77 -10.06
N LEU B 302 9.35 -12.97 -9.77
CA LEU B 302 9.37 -11.58 -10.23
C LEU B 302 9.40 -11.52 -11.75
N ILE B 303 10.07 -12.47 -12.38
CA ILE B 303 10.14 -12.52 -13.83
C ILE B 303 8.77 -12.91 -14.40
N LEU B 304 8.14 -13.92 -13.81
CA LEU B 304 6.85 -14.38 -14.31
C LEU B 304 5.76 -13.32 -14.10
N ILE B 305 5.90 -12.50 -13.06
CA ILE B 305 4.99 -11.38 -12.85
C ILE B 305 5.13 -10.40 -14.01
N GLY B 306 6.37 -10.06 -14.36
CA GLY B 306 6.64 -9.20 -15.49
C GLY B 306 6.12 -9.77 -16.80
N GLU B 307 6.31 -11.06 -17.00
CA GLU B 307 5.80 -11.74 -18.18
C GLU B 307 4.29 -11.59 -18.29
N THR B 308 3.62 -11.71 -17.14
CA THR B 308 2.17 -11.63 -17.09
C THR B 308 1.68 -10.26 -17.54
N ILE B 309 2.21 -9.22 -16.91
CA ILE B 309 1.83 -7.85 -17.23
C ILE B 309 2.13 -7.54 -18.70
N LYS B 310 3.30 -8.00 -19.17
CA LYS B 310 3.69 -7.84 -20.56
C LYS B 310 2.66 -8.44 -21.52
N ILE B 311 2.30 -9.70 -21.29
CA ILE B 311 1.37 -10.41 -22.15
C ILE B 311 -0.02 -9.79 -22.11
N VAL B 312 -0.47 -9.46 -20.90
CA VAL B 312 -1.81 -8.89 -20.72
C VAL B 312 -1.95 -7.58 -21.50
N ILE B 313 -0.97 -6.70 -21.37
CA ILE B 313 -1.04 -5.42 -22.06
C ILE B 313 -0.91 -5.60 -23.58
N GLU B 314 0.10 -6.32 -24.03
CA GLU B 314 0.45 -6.31 -25.45
C GLU B 314 -0.15 -7.44 -26.30
N ASP B 315 -0.88 -8.36 -25.68
CA ASP B 315 -1.59 -9.40 -26.42
C ASP B 315 -3.06 -9.45 -26.04
N TYR B 316 -3.33 -9.54 -24.75
CA TYR B 316 -4.69 -9.67 -24.24
C TYR B 316 -5.51 -8.39 -24.42
N VAL B 317 -5.06 -7.29 -23.83
CA VAL B 317 -5.76 -6.01 -23.98
C VAL B 317 -5.68 -5.54 -25.42
N GLN B 318 -4.55 -5.79 -26.07
CA GLN B 318 -4.37 -5.43 -27.48
C GLN B 318 -5.48 -6.03 -28.32
N HIS B 319 -5.67 -7.34 -28.19
CA HIS B 319 -6.74 -8.02 -28.90
C HIS B 319 -8.08 -7.49 -28.45
N LEU B 320 -8.21 -7.32 -27.15
CA LEU B 320 -9.46 -6.93 -26.52
C LEU B 320 -9.94 -5.56 -27.01
N SER B 321 -9.01 -4.62 -27.14
CA SER B 321 -9.33 -3.24 -27.50
C SER B 321 -9.80 -3.12 -28.94
N GLY B 322 -9.22 -3.92 -29.82
CA GLY B 322 -9.49 -3.83 -31.24
C GLY B 322 -8.67 -2.74 -31.91
N TYR B 323 -7.79 -2.12 -31.13
CA TYR B 323 -7.01 -0.97 -31.60
C TYR B 323 -5.96 -1.38 -32.65
N HIS B 324 -5.71 -0.48 -33.59
CA HIS B 324 -4.60 -0.63 -34.52
C HIS B 324 -3.33 -0.04 -33.93
N PHE B 325 -3.51 0.90 -32.99
CA PHE B 325 -2.38 1.41 -32.22
C PHE B 325 -1.82 0.27 -31.37
N LYS B 326 -0.51 0.14 -31.38
CA LYS B 326 0.15 -0.98 -30.70
C LYS B 326 0.45 -0.63 -29.24
N LEU B 327 -0.28 -1.24 -28.32
CA LEU B 327 -0.08 -1.01 -26.91
C LEU B 327 1.32 -1.46 -26.48
N LYS B 328 1.84 -0.84 -25.43
CA LYS B 328 3.20 -1.09 -24.98
C LYS B 328 3.27 -1.20 -23.46
N PHE B 329 3.88 -2.28 -22.99
CA PHE B 329 4.23 -2.38 -21.58
C PHE B 329 5.62 -1.80 -21.37
N ASP B 330 5.66 -0.61 -20.79
CA ASP B 330 6.93 0.07 -20.54
C ASP B 330 6.78 0.99 -19.31
N PRO B 331 7.19 0.49 -18.14
CA PRO B 331 7.12 1.27 -16.90
C PRO B 331 7.81 2.63 -16.97
N GLU B 332 8.78 2.78 -17.88
CA GLU B 332 9.52 4.04 -18.00
C GLU B 332 8.64 5.17 -18.52
N LEU B 333 7.54 4.83 -19.19
CA LEU B 333 6.59 5.83 -19.67
C LEU B 333 6.04 6.69 -18.53
N LEU B 334 6.03 6.14 -17.31
CA LEU B 334 5.39 6.80 -16.17
C LEU B 334 6.36 7.42 -15.17
N PHE B 335 7.65 7.26 -15.40
CA PHE B 335 8.65 7.69 -14.42
C PHE B 335 8.70 9.22 -14.22
N ASN B 336 8.27 9.98 -15.23
CA ASN B 336 8.19 11.43 -15.09
C ASN B 336 6.76 11.91 -14.85
N LYS B 337 5.86 10.98 -14.56
CA LYS B 337 4.46 11.31 -14.31
C LYS B 337 4.10 11.11 -12.85
N GLN B 338 3.02 11.76 -12.42
CA GLN B 338 2.42 11.44 -11.14
C GLN B 338 1.70 10.11 -11.26
N PHE B 339 2.01 9.16 -10.38
CA PHE B 339 1.40 7.85 -10.44
C PHE B 339 1.60 7.08 -9.14
N GLN B 340 0.54 6.47 -8.64
CA GLN B 340 0.60 5.72 -7.39
C GLN B 340 0.83 4.23 -7.66
N TYR B 341 1.96 3.72 -7.19
CA TYR B 341 2.28 2.30 -7.36
C TYR B 341 1.64 1.49 -6.25
N GLN B 342 0.32 1.39 -6.32
CA GLN B 342 -0.46 0.57 -5.41
C GLN B 342 -1.80 0.33 -6.04
N ASN B 343 -2.56 -0.62 -5.51
CA ASN B 343 -3.86 -0.96 -6.06
C ASN B 343 -4.74 -1.62 -5.03
N ARG B 344 -6.05 -1.40 -5.17
CA ARG B 344 -7.06 -2.09 -4.38
C ARG B 344 -8.15 -2.52 -5.35
N ILE B 345 -8.47 -3.80 -5.33
CA ILE B 345 -9.43 -4.36 -6.28
C ILE B 345 -10.84 -3.86 -5.99
N ALA B 346 -11.46 -3.27 -7.00
CA ALA B 346 -12.82 -2.75 -6.89
C ALA B 346 -13.84 -3.85 -7.12
N ALA B 347 -14.89 -3.85 -6.30
CA ALA B 347 -15.96 -4.83 -6.42
C ALA B 347 -16.64 -4.71 -7.79
N GLU B 348 -16.72 -3.49 -8.30
CA GLU B 348 -17.36 -3.26 -9.59
C GLU B 348 -16.52 -3.83 -10.73
N PHE B 349 -15.20 -3.85 -10.54
CA PHE B 349 -14.31 -4.47 -11.52
C PHE B 349 -14.61 -5.97 -11.59
N ASN B 350 -14.85 -6.56 -10.42
CA ASN B 350 -15.24 -7.96 -10.33
C ASN B 350 -16.56 -8.19 -11.05
N THR B 351 -17.53 -7.34 -10.79
CA THR B 351 -18.87 -7.47 -11.36
C THR B 351 -18.87 -7.40 -12.88
N LEU B 352 -18.17 -6.43 -13.44
CA LEU B 352 -18.17 -6.23 -14.89
C LEU B 352 -17.40 -7.34 -15.60
N TYR B 353 -16.58 -8.09 -14.86
CA TYR B 353 -15.74 -9.12 -15.48
C TYR B 353 -16.41 -10.49 -15.52
N HIS B 354 -17.69 -10.56 -15.16
CA HIS B 354 -18.44 -11.80 -15.30
C HIS B 354 -18.79 -12.01 -16.77
N TRP B 355 -17.78 -12.40 -17.55
CA TRP B 355 -17.92 -12.57 -18.99
C TRP B 355 -18.29 -14.00 -19.36
N HIS B 356 -19.36 -14.51 -18.76
CA HIS B 356 -19.78 -15.87 -19.04
C HIS B 356 -20.44 -16.05 -20.42
N PRO B 357 -20.88 -14.96 -21.06
CA PRO B 357 -21.32 -15.15 -22.44
C PRO B 357 -20.18 -15.57 -23.39
N LEU B 358 -18.94 -15.43 -22.95
CA LEU B 358 -17.79 -15.92 -23.71
C LEU B 358 -17.88 -17.43 -23.91
N LEU B 359 -18.48 -18.11 -22.94
CA LEU B 359 -18.48 -19.56 -22.90
C LEU B 359 -19.33 -20.17 -24.02
N PRO B 360 -18.84 -21.26 -24.64
CA PRO B 360 -19.57 -21.94 -25.71
C PRO B 360 -20.62 -22.92 -25.20
N ASP B 361 -21.38 -23.53 -26.11
CA ASP B 361 -22.37 -24.53 -25.72
C ASP B 361 -21.70 -25.87 -25.48
N THR B 362 -20.62 -26.14 -26.22
CA THR B 362 -19.80 -27.32 -25.99
C THR B 362 -18.34 -26.99 -26.25
N PHE B 363 -17.45 -27.77 -25.66
CA PHE B 363 -16.01 -27.58 -25.82
C PHE B 363 -15.44 -28.62 -26.78
N GLN B 364 -14.73 -28.13 -27.80
CA GLN B 364 -14.17 -28.99 -28.84
C GLN B 364 -12.66 -29.17 -28.64
N ILE B 365 -12.25 -30.37 -28.23
CA ILE B 365 -10.84 -30.72 -28.14
C ILE B 365 -10.52 -31.76 -29.20
N HIS B 366 -9.57 -31.43 -30.06
CA HIS B 366 -9.21 -32.29 -31.19
C HIS B 366 -10.44 -32.55 -32.06
N ASP B 367 -11.07 -33.70 -31.89
CA ASP B 367 -12.22 -34.10 -32.69
C ASP B 367 -13.38 -34.58 -31.82
N GLN B 368 -13.30 -34.29 -30.53
CA GLN B 368 -14.35 -34.69 -29.58
C GLN B 368 -15.05 -33.47 -29.00
N LYS B 369 -16.34 -33.61 -28.73
CA LYS B 369 -17.14 -32.55 -28.12
C LYS B 369 -17.54 -32.91 -26.70
N TYR B 370 -17.48 -31.94 -25.81
CA TYR B 370 -17.85 -32.14 -24.41
C TYR B 370 -18.89 -31.13 -23.96
N ASN B 371 -19.98 -31.62 -23.36
CA ASN B 371 -20.93 -30.72 -22.71
C ASN B 371 -20.37 -30.30 -21.36
N TYR B 372 -21.08 -29.47 -20.63
CA TYR B 372 -20.59 -28.97 -19.36
C TYR B 372 -20.52 -30.07 -18.31
N GLN B 373 -21.47 -30.98 -18.34
CA GLN B 373 -21.56 -32.05 -17.35
C GLN B 373 -20.29 -32.89 -17.31
N GLN B 374 -19.67 -33.09 -18.47
CA GLN B 374 -18.52 -33.98 -18.60
C GLN B 374 -17.21 -33.25 -18.75
N PHE B 375 -17.27 -31.94 -18.98
CA PHE B 375 -16.06 -31.12 -19.12
C PHE B 375 -15.60 -30.58 -17.77
N ILE B 376 -16.56 -30.22 -16.92
CA ILE B 376 -16.25 -29.65 -15.62
C ILE B 376 -15.61 -30.67 -14.67
N TYR B 377 -14.55 -30.24 -14.00
CA TYR B 377 -13.84 -31.05 -13.00
C TYR B 377 -13.25 -32.35 -13.57
N ASN B 378 -13.11 -32.42 -14.89
CA ASN B 378 -12.55 -33.59 -15.56
C ASN B 378 -11.14 -33.33 -16.06
N ASN B 379 -10.14 -33.65 -15.25
CA ASN B 379 -8.73 -33.46 -15.64
C ASN B 379 -8.19 -34.60 -16.51
N SER B 380 -8.93 -35.70 -16.60
CA SER B 380 -8.52 -36.80 -17.45
C SER B 380 -8.53 -36.36 -18.90
N ILE B 381 -9.44 -35.43 -19.22
CA ILE B 381 -9.49 -34.84 -20.54
C ILE B 381 -8.16 -34.19 -20.88
N LEU B 382 -7.58 -33.51 -19.89
CA LEU B 382 -6.30 -32.83 -20.08
C LEU B 382 -5.18 -33.83 -20.37
N LEU B 383 -5.15 -34.91 -19.59
CA LEU B 383 -4.15 -35.95 -19.80
C LEU B 383 -4.38 -36.70 -21.09
N GLU B 384 -5.65 -36.92 -21.40
CA GLU B 384 -6.06 -37.63 -22.62
C GLU B 384 -5.49 -36.99 -23.87
N HIS B 385 -5.60 -35.66 -23.97
CA HIS B 385 -5.20 -34.93 -25.17
C HIS B 385 -3.83 -34.26 -25.04
N GLY B 386 -3.49 -33.87 -23.82
CA GLY B 386 -2.23 -33.16 -23.58
C GLY B 386 -2.37 -31.68 -23.88
N ILE B 387 -1.42 -30.89 -23.40
CA ILE B 387 -1.50 -29.43 -23.53
C ILE B 387 -1.47 -28.99 -24.99
N THR B 388 -0.62 -29.61 -25.79
CA THR B 388 -0.47 -29.23 -27.20
C THR B 388 -1.81 -29.24 -27.92
N GLN B 389 -2.55 -30.34 -27.78
CA GLN B 389 -3.83 -30.49 -28.45
C GLN B 389 -4.85 -29.47 -27.94
N PHE B 390 -4.76 -29.13 -26.65
CA PHE B 390 -5.64 -28.14 -26.06
C PHE B 390 -5.45 -26.77 -26.70
N VAL B 391 -4.18 -26.36 -26.83
CA VAL B 391 -3.84 -25.07 -27.42
C VAL B 391 -4.29 -24.99 -28.88
N GLU B 392 -4.04 -26.05 -29.63
CA GLU B 392 -4.43 -26.09 -31.03
C GLU B 392 -5.95 -26.00 -31.18
N SER B 393 -6.65 -26.72 -30.31
CA SER B 393 -8.10 -26.73 -30.33
C SER B 393 -8.69 -25.38 -29.94
N PHE B 394 -8.31 -24.90 -28.75
CA PHE B 394 -8.84 -23.65 -28.23
C PHE B 394 -8.52 -22.45 -29.11
N THR B 395 -7.36 -22.47 -29.74
CA THR B 395 -6.98 -21.40 -30.64
C THR B 395 -7.96 -21.31 -31.81
N ARG B 396 -8.57 -22.43 -32.15
CA ARG B 396 -9.49 -22.50 -33.29
C ARG B 396 -10.95 -22.25 -32.92
N GLN B 397 -11.30 -22.45 -31.64
CA GLN B 397 -12.71 -22.35 -31.24
C GLN B 397 -13.11 -20.94 -30.86
N ILE B 398 -14.19 -20.45 -31.48
CA ILE B 398 -14.67 -19.10 -31.26
C ILE B 398 -15.39 -18.99 -29.92
N ALA B 399 -15.26 -17.82 -29.27
CA ALA B 399 -15.99 -17.52 -28.06
C ALA B 399 -17.24 -16.70 -28.40
N GLY B 400 -18.09 -16.48 -27.39
CA GLY B 400 -19.33 -15.76 -27.60
C GLY B 400 -19.19 -14.26 -27.36
N ARG B 401 -20.15 -13.50 -27.87
CA ARG B 401 -20.17 -12.06 -27.68
C ARG B 401 -20.67 -11.72 -26.28
N VAL B 402 -19.95 -10.84 -25.58
CA VAL B 402 -20.28 -10.52 -24.19
C VAL B 402 -21.45 -9.55 -24.10
N ALA B 403 -21.33 -8.41 -24.78
CA ALA B 403 -22.43 -7.46 -24.82
C ALA B 403 -23.44 -7.86 -25.89
N GLY B 404 -24.60 -7.20 -25.89
CA GLY B 404 -25.60 -7.42 -26.91
C GLY B 404 -26.79 -8.23 -26.43
N GLY B 405 -26.68 -8.77 -25.21
CA GLY B 405 -27.81 -9.44 -24.57
C GLY B 405 -28.01 -10.89 -25.01
N ARG B 406 -28.71 -11.63 -24.16
CA ARG B 406 -29.17 -12.99 -24.47
C ARG B 406 -28.07 -13.88 -25.04
N ASN B 407 -26.99 -14.06 -24.29
CA ASN B 407 -25.91 -14.92 -24.73
C ASN B 407 -25.20 -15.62 -23.57
N VAL B 408 -25.87 -15.71 -22.42
CA VAL B 408 -25.35 -16.47 -21.29
C VAL B 408 -25.77 -17.93 -21.41
N PRO B 409 -24.81 -18.87 -21.42
CA PRO B 409 -25.19 -20.28 -21.50
C PRO B 409 -26.09 -20.72 -20.35
N PRO B 410 -27.11 -21.54 -20.61
CA PRO B 410 -28.00 -22.01 -19.53
C PRO B 410 -27.26 -22.69 -18.39
N ALA B 411 -26.11 -23.28 -18.69
CA ALA B 411 -25.33 -24.02 -17.70
C ALA B 411 -24.88 -23.11 -16.55
N VAL B 412 -24.48 -21.88 -16.87
CA VAL B 412 -24.03 -20.92 -15.87
C VAL B 412 -25.07 -19.82 -15.69
N GLN B 413 -26.33 -20.19 -15.82
CA GLN B 413 -27.45 -19.27 -15.65
C GLN B 413 -27.53 -18.73 -14.23
N LYS B 414 -27.44 -19.64 -13.25
CA LYS B 414 -27.58 -19.26 -11.85
C LYS B 414 -26.40 -18.39 -11.38
N VAL B 415 -25.30 -18.45 -12.10
CA VAL B 415 -24.15 -17.60 -11.81
C VAL B 415 -24.49 -16.15 -12.13
N SER B 416 -25.18 -15.94 -13.25
CA SER B 416 -25.62 -14.61 -13.62
C SER B 416 -26.61 -14.08 -12.60
N GLN B 417 -27.46 -14.96 -12.08
CA GLN B 417 -28.43 -14.56 -11.07
C GLN B 417 -27.73 -14.16 -9.78
N ALA B 418 -26.68 -14.90 -9.43
CA ALA B 418 -25.92 -14.62 -8.22
C ALA B 418 -25.17 -13.29 -8.37
N SER B 419 -24.75 -12.97 -9.59
CA SER B 419 -24.03 -11.74 -9.84
C SER B 419 -24.95 -10.53 -9.66
N ILE B 420 -26.23 -10.70 -10.02
CA ILE B 420 -27.22 -9.66 -9.82
C ILE B 420 -27.55 -9.53 -8.33
N ASP B 421 -27.88 -10.66 -7.71
CA ASP B 421 -28.28 -10.68 -6.31
C ASP B 421 -27.20 -10.07 -5.41
N GLN B 422 -25.95 -10.41 -5.69
CA GLN B 422 -24.84 -9.98 -4.85
C GLN B 422 -24.57 -8.48 -5.03
N SER B 423 -24.88 -7.95 -6.21
CA SER B 423 -24.80 -6.51 -6.44
C SER B 423 -25.75 -5.76 -5.52
N ARG B 424 -26.95 -6.32 -5.33
CA ARG B 424 -27.97 -5.69 -4.52
C ARG B 424 -27.64 -5.81 -3.04
N GLN B 425 -27.12 -6.96 -2.66
CA GLN B 425 -26.67 -7.19 -1.30
C GLN B 425 -25.57 -6.19 -0.93
N MET B 426 -24.80 -5.78 -1.94
CA MET B 426 -23.71 -4.83 -1.75
C MET B 426 -24.13 -3.39 -2.06
N LYS B 427 -25.41 -3.21 -2.37
CA LYS B 427 -25.99 -1.87 -2.52
C LYS B 427 -25.34 -1.05 -3.64
N TYR B 428 -25.22 -1.64 -4.82
CA TYR B 428 -24.69 -0.90 -5.97
C TYR B 428 -25.61 0.22 -6.39
N GLN B 429 -25.04 1.34 -6.81
CA GLN B 429 -25.81 2.41 -7.44
C GLN B 429 -26.20 1.97 -8.83
N SER B 430 -26.99 2.81 -9.51
CA SER B 430 -27.52 2.43 -10.82
C SER B 430 -26.47 2.48 -11.92
N PHE B 431 -26.81 1.86 -13.05
CA PHE B 431 -25.95 1.86 -14.22
C PHE B 431 -25.62 3.27 -14.67
N ASN B 432 -26.63 4.14 -14.68
CA ASN B 432 -26.44 5.52 -15.11
C ASN B 432 -25.53 6.31 -14.16
N GLU B 433 -25.53 5.95 -12.89
CA GLU B 433 -24.64 6.61 -11.94
C GLU B 433 -23.20 6.23 -12.21
N TYR B 434 -22.97 4.99 -12.60
CA TYR B 434 -21.63 4.53 -12.92
C TYR B 434 -21.15 5.11 -14.24
N ARG B 435 -22.07 5.34 -15.17
CA ARG B 435 -21.74 6.03 -16.41
C ARG B 435 -21.16 7.41 -16.11
N LYS B 436 -21.85 8.16 -15.27
CA LYS B 436 -21.42 9.51 -14.91
C LYS B 436 -20.10 9.49 -14.14
N ARG B 437 -19.92 8.47 -13.31
CA ARG B 437 -18.70 8.33 -12.52
C ARG B 437 -17.48 8.19 -13.41
N PHE B 438 -17.66 7.63 -14.59
CA PHE B 438 -16.57 7.46 -15.54
C PHE B 438 -16.74 8.36 -16.76
N MET B 439 -17.37 9.52 -16.53
CA MET B 439 -17.41 10.62 -17.50
C MET B 439 -18.14 10.26 -18.79
N LEU B 440 -19.17 9.42 -18.67
CA LEU B 440 -20.02 9.08 -19.80
C LEU B 440 -21.37 9.75 -19.62
N LYS B 441 -22.01 10.09 -20.73
CA LYS B 441 -23.34 10.66 -20.68
C LYS B 441 -24.33 9.58 -20.23
N PRO B 442 -25.21 9.90 -19.27
CA PRO B 442 -26.21 8.89 -18.89
C PRO B 442 -27.20 8.62 -20.02
N TYR B 443 -27.66 7.38 -20.13
CA TYR B 443 -28.65 7.02 -21.13
C TYR B 443 -30.00 7.63 -20.79
N GLU B 444 -30.68 8.16 -21.80
CA GLU B 444 -31.94 8.86 -21.59
C GLU B 444 -33.15 7.93 -21.77
N SER B 445 -32.96 6.84 -22.52
CA SER B 445 -34.04 5.88 -22.74
C SER B 445 -33.47 4.46 -22.75
N PHE B 446 -34.36 3.48 -22.63
CA PHE B 446 -33.97 2.07 -22.70
C PHE B 446 -33.55 1.72 -24.11
N GLU B 447 -34.22 2.32 -25.08
CA GLU B 447 -33.94 2.07 -26.49
C GLU B 447 -32.55 2.61 -26.86
N GLU B 448 -32.16 3.70 -26.20
CA GLU B 448 -30.83 4.26 -26.39
C GLU B 448 -29.77 3.30 -25.87
N LEU B 449 -30.10 2.60 -24.80
CA LEU B 449 -29.18 1.66 -24.17
C LEU B 449 -28.91 0.43 -25.06
N THR B 450 -29.97 -0.18 -25.56
CA THR B 450 -29.84 -1.43 -26.32
C THR B 450 -29.69 -1.19 -27.83
N GLY B 451 -30.15 -0.04 -28.29
CA GLY B 451 -30.13 0.26 -29.72
C GLY B 451 -31.05 -0.70 -30.45
N GLU B 452 -32.20 -0.97 -29.84
CA GLU B 452 -33.11 -1.98 -30.33
C GLU B 452 -34.41 -1.93 -29.52
N LYS B 453 -35.50 -2.47 -30.07
CA LYS B 453 -36.83 -2.28 -29.52
C LYS B 453 -37.32 -3.41 -28.61
N GLU B 454 -36.77 -4.61 -28.79
CA GLU B 454 -37.30 -5.80 -28.12
C GLU B 454 -36.88 -5.89 -26.65
N MET B 455 -35.58 -5.97 -26.41
CA MET B 455 -35.04 -6.05 -25.05
C MET B 455 -35.32 -4.78 -24.26
N SER B 456 -35.23 -3.64 -24.92
CA SER B 456 -35.50 -2.35 -24.29
C SER B 456 -36.91 -2.31 -23.70
N ALA B 457 -37.82 -3.04 -24.34
CA ALA B 457 -39.20 -3.09 -23.88
C ALA B 457 -39.31 -3.97 -22.63
N GLU B 458 -38.58 -5.07 -22.62
CA GLU B 458 -38.51 -5.92 -21.43
C GLU B 458 -37.88 -5.13 -20.29
N LEU B 459 -36.85 -4.36 -20.62
CA LEU B 459 -36.19 -3.52 -19.63
C LEU B 459 -37.16 -2.52 -19.01
N GLU B 460 -37.95 -1.86 -19.86
CA GLU B 460 -38.90 -0.87 -19.39
C GLU B 460 -39.99 -1.51 -18.54
N ALA B 461 -40.41 -2.72 -18.92
CA ALA B 461 -41.45 -3.43 -18.20
C ALA B 461 -40.93 -3.90 -16.84
N LEU B 462 -39.62 -4.12 -16.76
CA LEU B 462 -39.01 -4.57 -15.52
C LEU B 462 -38.62 -3.41 -14.61
N TYR B 463 -38.08 -2.35 -15.20
CA TYR B 463 -37.51 -1.24 -14.42
C TYR B 463 -38.36 0.02 -14.41
N GLY B 464 -39.02 0.32 -15.53
CA GLY B 464 -39.86 1.51 -15.63
C GLY B 464 -39.07 2.76 -15.93
N ASP B 465 -38.03 3.02 -15.14
CA ASP B 465 -37.18 4.20 -15.30
C ASP B 465 -35.77 3.78 -15.71
N ILE B 466 -35.23 4.45 -16.73
CA ILE B 466 -33.91 4.14 -17.25
C ILE B 466 -32.84 4.30 -16.17
N ASP B 467 -33.09 5.19 -15.21
CA ASP B 467 -32.14 5.44 -14.14
C ASP B 467 -32.25 4.42 -13.01
N ALA B 468 -33.12 3.42 -13.19
CA ALA B 468 -33.29 2.35 -12.21
C ALA B 468 -32.63 1.06 -12.68
N VAL B 469 -32.14 1.05 -13.90
CA VAL B 469 -31.47 -0.12 -14.45
C VAL B 469 -30.15 -0.37 -13.73
N GLU B 470 -29.90 -1.64 -13.38
CA GLU B 470 -28.74 -2.01 -12.59
C GLU B 470 -27.49 -2.19 -13.46
N LEU B 471 -26.34 -2.15 -12.81
CA LEU B 471 -25.05 -2.15 -13.48
C LEU B 471 -24.79 -3.38 -14.33
N TYR B 472 -24.85 -4.57 -13.71
CA TYR B 472 -24.44 -5.79 -14.39
C TYR B 472 -25.36 -6.18 -15.56
N PRO B 473 -26.69 -6.13 -15.36
CA PRO B 473 -27.56 -6.47 -16.48
C PRO B 473 -27.40 -5.49 -17.65
N ALA B 474 -27.23 -4.21 -17.33
CA ALA B 474 -27.11 -3.19 -18.36
C ALA B 474 -25.87 -3.41 -19.21
N LEU B 475 -24.77 -3.81 -18.57
CA LEU B 475 -23.52 -4.03 -19.26
C LEU B 475 -23.64 -5.09 -20.35
N LEU B 476 -24.42 -6.12 -20.09
CA LEU B 476 -24.53 -7.26 -21.00
C LEU B 476 -25.53 -7.05 -22.12
N VAL B 477 -26.52 -6.18 -21.92
CA VAL B 477 -27.51 -5.90 -22.95
C VAL B 477 -27.22 -4.60 -23.69
N GLU B 478 -26.22 -3.86 -23.21
CA GLU B 478 -25.84 -2.60 -23.86
C GLU B 478 -25.47 -2.84 -25.32
N LYS B 479 -25.79 -1.87 -26.16
CA LYS B 479 -25.45 -1.95 -27.57
C LYS B 479 -23.94 -2.09 -27.74
N PRO B 480 -23.47 -3.16 -28.41
CA PRO B 480 -22.03 -3.29 -28.63
C PRO B 480 -21.49 -2.20 -29.54
N ARG B 481 -20.20 -1.91 -29.43
CA ARG B 481 -19.52 -1.12 -30.44
C ARG B 481 -19.65 -1.86 -31.77
N PRO B 482 -19.52 -1.14 -32.89
CA PRO B 482 -19.63 -1.78 -34.21
C PRO B 482 -18.72 -3.01 -34.36
N ASP B 483 -19.34 -4.18 -34.52
CA ASP B 483 -18.62 -5.44 -34.68
C ASP B 483 -17.62 -5.66 -33.54
N ALA B 484 -18.00 -5.24 -32.34
CA ALA B 484 -17.14 -5.36 -31.17
C ALA B 484 -17.73 -6.33 -30.15
N ILE B 485 -16.90 -6.77 -29.23
CA ILE B 485 -17.30 -7.71 -28.20
C ILE B 485 -18.05 -6.97 -27.07
N PHE B 486 -17.74 -5.69 -26.89
CA PHE B 486 -18.30 -4.89 -25.81
C PHE B 486 -19.03 -3.65 -26.27
N GLY B 487 -19.88 -3.13 -25.38
CA GLY B 487 -20.44 -1.81 -25.53
C GLY B 487 -19.55 -0.77 -24.86
N GLU B 488 -19.92 0.50 -25.00
CA GLU B 488 -19.12 1.61 -24.50
C GLU B 488 -18.77 1.53 -23.01
N THR B 489 -19.75 1.17 -22.19
CA THR B 489 -19.59 1.27 -20.74
C THR B 489 -18.62 0.24 -20.19
N MET B 490 -18.64 -0.97 -20.73
CA MET B 490 -17.72 -2.02 -20.28
C MET B 490 -16.27 -1.56 -20.41
N VAL B 491 -15.96 -0.94 -21.54
CA VAL B 491 -14.60 -0.52 -21.84
C VAL B 491 -14.17 0.65 -20.96
N GLU B 492 -15.00 1.70 -20.91
CA GLU B 492 -14.63 2.93 -20.22
C GLU B 492 -14.58 2.77 -18.71
N VAL B 493 -15.34 1.81 -18.19
CA VAL B 493 -15.34 1.52 -16.76
C VAL B 493 -14.25 0.51 -16.43
N GLY B 494 -14.07 -0.49 -17.29
CA GLY B 494 -13.13 -1.56 -17.04
C GLY B 494 -11.67 -1.18 -17.22
N ALA B 495 -11.38 -0.43 -18.29
CA ALA B 495 -10.01 -0.11 -18.65
C ALA B 495 -9.21 0.56 -17.52
N PRO B 496 -9.80 1.55 -16.82
CA PRO B 496 -9.08 2.18 -15.72
C PRO B 496 -8.71 1.22 -14.59
N PHE B 497 -9.65 0.36 -14.21
CA PHE B 497 -9.37 -0.67 -13.21
C PHE B 497 -8.22 -1.55 -13.65
N SER B 498 -8.26 -2.00 -14.90
CA SER B 498 -7.25 -2.90 -15.45
C SER B 498 -5.86 -2.27 -15.42
N LEU B 499 -5.76 -1.06 -15.93
CA LEU B 499 -4.45 -0.42 -16.07
C LEU B 499 -3.85 -0.08 -14.71
N LYS B 500 -4.69 0.21 -13.73
CA LYS B 500 -4.18 0.50 -12.40
C LYS B 500 -3.58 -0.77 -11.78
N GLY B 501 -4.22 -1.90 -12.03
CA GLY B 501 -3.75 -3.17 -11.49
C GLY B 501 -2.47 -3.64 -12.17
N LEU B 502 -2.30 -3.28 -13.43
CA LEU B 502 -1.10 -3.67 -14.18
C LEU B 502 0.08 -2.76 -13.89
N MET B 503 -0.08 -1.45 -14.09
CA MET B 503 1.03 -0.51 -13.94
C MET B 503 1.26 -0.15 -12.48
N GLY B 504 0.25 -0.36 -11.64
CA GLY B 504 0.37 -0.08 -10.22
C GLY B 504 1.13 -1.16 -9.47
N ASN B 505 1.62 -2.15 -10.19
CA ASN B 505 2.39 -3.23 -9.58
C ASN B 505 3.78 -2.75 -9.20
N VAL B 506 4.28 -3.23 -8.05
CA VAL B 506 5.55 -2.76 -7.50
C VAL B 506 6.73 -2.92 -8.46
N ILE B 507 6.72 -3.94 -9.32
CA ILE B 507 7.86 -4.16 -10.20
C ILE B 507 7.94 -3.06 -11.27
N CYS B 508 6.85 -2.31 -11.44
CA CYS B 508 6.82 -1.20 -12.39
C CYS B 508 7.36 0.08 -11.75
N SER B 509 7.61 0.05 -10.46
CA SER B 509 8.14 1.23 -9.77
C SER B 509 9.64 1.36 -10.09
N PRO B 510 10.16 2.60 -10.13
CA PRO B 510 11.55 2.84 -10.52
C PRO B 510 12.60 2.08 -9.70
N ALA B 511 12.36 1.87 -8.42
CA ALA B 511 13.33 1.16 -7.59
C ALA B 511 13.43 -0.30 -7.97
N TYR B 512 12.37 -0.85 -8.57
CA TYR B 512 12.32 -2.25 -8.95
C TYR B 512 12.65 -2.52 -10.42
N TRP B 513 12.25 -1.60 -11.30
CA TRP B 513 12.36 -1.84 -12.74
C TRP B 513 13.78 -1.66 -13.25
N LYS B 514 14.59 -2.70 -13.08
CA LYS B 514 15.97 -2.68 -13.52
C LYS B 514 16.51 -4.11 -13.55
N PRO B 515 17.51 -4.37 -14.41
CA PRO B 515 18.04 -5.73 -14.62
C PRO B 515 18.35 -6.51 -13.34
N SER B 516 18.96 -5.86 -12.34
CA SER B 516 19.40 -6.56 -11.15
C SER B 516 18.25 -7.20 -10.39
N THR B 517 17.07 -6.63 -10.52
CA THR B 517 15.88 -7.14 -9.86
C THR B 517 15.54 -8.55 -10.36
N PHE B 518 15.86 -8.81 -11.64
CA PHE B 518 15.45 -10.05 -12.29
C PHE B 518 16.64 -10.94 -12.63
N GLY B 519 17.74 -10.76 -11.92
CA GLY B 519 18.89 -11.63 -12.05
C GLY B 519 19.80 -11.27 -13.20
N GLY B 520 19.65 -10.07 -13.73
CA GLY B 520 20.49 -9.58 -14.81
C GLY B 520 19.73 -9.35 -16.10
N GLU B 521 20.46 -9.08 -17.17
CA GLU B 521 19.85 -8.74 -18.46
C GLU B 521 19.10 -9.90 -19.08
N VAL B 522 19.58 -11.12 -18.86
CA VAL B 522 18.93 -12.31 -19.40
C VAL B 522 17.51 -12.44 -18.84
N GLY B 523 17.37 -12.28 -17.53
CA GLY B 523 16.08 -12.37 -16.88
C GLY B 523 15.19 -11.20 -17.26
N PHE B 524 15.78 -10.01 -17.30
CA PHE B 524 15.05 -8.81 -17.65
C PHE B 524 14.47 -8.91 -19.06
N GLN B 525 15.17 -9.65 -19.91
CA GLN B 525 14.77 -9.79 -21.31
C GLN B 525 13.62 -10.79 -21.47
N ILE B 526 13.55 -11.77 -20.59
CA ILE B 526 12.44 -12.73 -20.61
C ILE B 526 11.12 -11.97 -20.45
N ILE B 527 11.11 -10.94 -19.62
CA ILE B 527 9.92 -10.11 -19.43
C ILE B 527 9.62 -9.33 -20.70
N ASN B 528 10.62 -8.62 -21.20
CA ASN B 528 10.42 -7.63 -22.25
C ASN B 528 10.25 -8.22 -23.64
N THR B 529 10.44 -9.53 -23.77
CA THR B 529 10.24 -10.21 -25.05
C THR B 529 9.14 -11.26 -24.94
N ALA B 530 8.37 -11.20 -23.85
CA ALA B 530 7.33 -12.17 -23.61
C ALA B 530 6.09 -11.88 -24.46
N SER B 531 5.46 -12.96 -24.94
CA SER B 531 4.19 -12.87 -25.63
C SER B 531 3.41 -14.14 -25.34
N ILE B 532 2.13 -14.16 -25.67
CA ILE B 532 1.33 -15.36 -25.44
C ILE B 532 1.85 -16.49 -26.34
N GLN B 533 2.39 -16.14 -27.50
CA GLN B 533 2.92 -17.13 -28.43
C GLN B 533 4.21 -17.76 -27.89
N SER B 534 5.11 -16.93 -27.37
CA SER B 534 6.39 -17.43 -26.85
C SER B 534 6.19 -18.21 -25.55
N LEU B 535 5.15 -17.86 -24.80
CA LEU B 535 4.81 -18.60 -23.58
C LEU B 535 4.45 -20.03 -23.94
N ILE B 536 3.60 -20.17 -24.96
CA ILE B 536 3.19 -21.48 -25.44
C ILE B 536 4.37 -22.17 -26.11
N CYS B 537 5.12 -21.42 -26.90
CA CYS B 537 6.22 -21.98 -27.68
C CYS B 537 7.30 -22.60 -26.77
N ASN B 538 7.58 -21.93 -25.66
CA ASN B 538 8.64 -22.39 -24.75
C ASN B 538 8.23 -23.57 -23.88
N ASN B 539 6.92 -23.73 -23.65
CA ASN B 539 6.43 -24.69 -22.67
C ASN B 539 5.45 -25.73 -23.20
N VAL B 540 5.05 -25.61 -24.46
CA VAL B 540 4.13 -26.56 -25.06
C VAL B 540 4.83 -27.37 -26.15
N LYS B 541 4.64 -28.69 -26.09
CA LYS B 541 5.24 -29.62 -27.02
C LYS B 541 4.85 -29.30 -28.46
N GLY B 542 5.86 -29.16 -29.33
CA GLY B 542 5.62 -28.90 -30.74
C GLY B 542 5.62 -27.42 -31.09
N CYS B 543 5.49 -26.56 -30.08
CA CYS B 543 5.46 -25.12 -30.29
C CYS B 543 4.34 -24.72 -31.25
N PRO B 544 3.09 -25.10 -30.93
CA PRO B 544 1.98 -24.80 -31.84
C PRO B 544 1.73 -23.31 -32.00
N PHE B 545 1.16 -22.91 -33.12
CA PHE B 545 0.72 -21.54 -33.28
C PHE B 545 -0.40 -21.28 -32.29
N THR B 546 -0.38 -20.09 -31.67
CA THR B 546 -1.49 -19.68 -30.82
C THR B 546 -1.72 -18.19 -30.94
N SER B 547 -2.87 -17.75 -30.45
CA SER B 547 -3.31 -16.37 -30.58
C SER B 547 -4.62 -16.22 -29.81
N PHE B 548 -5.00 -14.99 -29.52
CA PHE B 548 -6.25 -14.74 -28.79
C PHE B 548 -7.44 -14.61 -29.72
N SER B 549 -7.21 -14.78 -31.03
CA SER B 549 -8.30 -14.80 -32.00
C SER B 549 -8.18 -16.01 -32.91
N VAL B 550 -9.30 -16.40 -33.51
CA VAL B 550 -9.32 -17.56 -34.39
C VAL B 550 -8.68 -17.23 -35.73
N PRO B 551 -7.87 -18.16 -36.28
CA PRO B 551 -7.34 -17.94 -37.64
C PRO B 551 -8.42 -18.03 -38.71
C1 NAG C . 5.81 -13.38 6.70
C2 NAG C . 4.69 -14.42 6.55
C3 NAG C . 4.63 -15.32 7.79
C4 NAG C . 6.01 -15.90 8.10
C5 NAG C . 7.04 -14.79 8.19
C6 NAG C . 8.45 -15.31 8.37
C7 NAG C . 2.58 -14.10 5.33
C8 NAG C . 1.30 -13.32 5.27
N2 NAG C . 3.41 -13.78 6.32
O3 NAG C . 3.70 -16.37 7.56
O4 NAG C . 5.97 -16.58 9.35
O5 NAG C . 7.04 -14.04 6.97
O6 NAG C . 8.81 -16.19 7.32
O7 NAG C . 2.85 -14.97 4.52
H2 NAG C . 4.90 -14.98 5.78
H3 NAG C . 4.34 -14.79 8.55
H4 NAG C . 6.26 -16.53 7.40
H5 NAG C . 6.81 -14.20 8.93
H61 NAG C . 8.50 -15.78 9.22
H62 NAG C . 9.07 -14.54 8.38
H81 NAG C . 0.79 -13.60 4.49
H82 NAG C . 1.50 -12.36 5.21
H83 NAG C . 0.78 -13.49 6.07
HN2 NAG C . 3.15 -13.12 6.91
HO3 NAG C . 4.03 -17.13 7.86
HO6 NAG C . 9.40 -15.80 6.79
C1 NAG C . 6.34 -17.97 9.20
C2 NAG C . 6.81 -18.50 10.56
C3 NAG C . 7.08 -20.01 10.49
C4 NAG C . 5.88 -20.74 9.90
C5 NAG C . 5.51 -20.11 8.57
C6 NAG C . 4.29 -20.72 7.92
C7 NAG C . 7.98 -16.75 11.83
C8 NAG C . 9.32 -16.16 12.18
N2 NAG C . 8.01 -17.80 11.00
O3 NAG C . 7.35 -20.47 11.80
O4 NAG C . 6.17 -22.12 9.65
O5 NAG C . 5.22 -18.72 8.76
O6 NAG C . 3.12 -19.99 8.22
O7 NAG C . 6.94 -16.29 12.27
H2 NAG C . 6.11 -18.35 11.21
H3 NAG C . 7.86 -20.17 9.92
H4 NAG C . 5.12 -20.67 10.51
H5 NAG C . 6.26 -20.18 7.95
H61 NAG C . 4.19 -21.64 8.25
H62 NAG C . 4.41 -20.74 6.96
H81 NAG C . 9.19 -15.38 12.75
H82 NAG C . 9.78 -15.90 11.37
H83 NAG C . 9.85 -16.83 12.66
HN2 NAG C . 8.82 -18.10 10.71
HO3 NAG C . 8.10 -20.95 11.80
HO6 NAG C . 3.34 -19.24 8.66
C1 MAN C . 6.46 -22.91 10.82
C2 MAN C . 7.47 -23.98 10.33
C3 MAN C . 7.16 -25.39 10.86
C4 MAN C . 5.67 -25.80 10.69
C5 MAN C . 4.73 -24.59 10.64
C6 MAN C . 3.37 -24.89 11.26
O2 MAN C . 8.79 -23.68 10.80
O3 MAN C . 7.56 -25.54 12.22
O4 MAN C . 5.51 -26.55 9.50
O5 MAN C . 5.29 -23.49 11.38
O6 MAN C . 2.99 -26.21 10.87
H2 MAN C . 7.46 -23.99 9.23
H3 MAN C . 7.76 -26.10 10.29
H4 MAN C . 5.39 -26.41 11.57
H5 MAN C . 4.57 -24.29 9.59
H61 MAN C . 2.64 -24.14 10.92
H62 MAN C . 3.48 -24.81 12.36
HO2 MAN C . 8.94 -24.15 11.63
HO3 MAN C . 6.94 -24.99 12.73
HO4 MAN C . 4.57 -26.77 9.46
HO6 MAN C . 3.15 -26.80 11.62
C1 NAG D . 3.73 4.14 43.43
C2 NAG D . 4.71 3.62 44.48
C3 NAG D . 4.09 3.75 45.87
C4 NAG D . 3.61 5.18 46.11
C5 NAG D . 2.77 5.70 44.95
C6 NAG D . 2.49 7.18 45.05
C7 NAG D . 6.33 1.79 44.27
C8 NAG D . 6.53 0.34 43.97
N2 NAG D . 5.08 2.24 44.21
O3 NAG D . 5.05 3.38 46.85
O4 NAG D . 2.81 5.20 47.28
O5 NAG D . 3.45 5.49 43.70
O6 NAG D . 1.47 7.58 44.14
O7 NAG D . 7.27 2.52 44.57
H2 NAG D . 5.52 4.17 44.46
H3 NAG D . 3.32 3.14 45.93
H4 NAG D . 4.39 5.76 46.24
H5 NAG D . 1.92 5.21 44.93
H61 NAG D . 3.31 7.67 44.84
H62 NAG D . 2.22 7.39 45.96
H81 NAG D . 7.49 0.13 44.00
H82 NAG D . 6.19 0.14 43.07
H83 NAG D . 6.06 -0.20 44.62
HN2 NAG D . 4.41 1.65 43.98
HO3 NAG D . 5.00 3.94 47.54
HO6 NAG D . 0.69 7.61 44.58
C1 NAG D . 3.36 6.05 48.31
C2 NAG D . 2.20 6.46 49.23
C3 NAG D . 2.73 7.27 50.41
C4 NAG D . 3.84 6.52 51.12
C5 NAG D . 4.92 6.17 50.11
C6 NAG D . 6.06 5.36 50.71
C7 NAG D . 0.16 6.66 47.87
C8 NAG D . -0.77 7.61 47.17
N2 NAG D . 1.20 7.23 48.50
O3 NAG D . 1.66 7.52 51.32
O4 NAG D . 4.39 7.32 52.16
O5 NAG D . 4.36 5.38 49.07
O6 NAG D . 5.89 3.98 50.45
O7 NAG D . -0.03 5.45 47.88
H2 NAG D . 1.78 5.65 49.58
H3 NAG D . 3.07 8.12 50.10
H4 NAG D . 3.48 5.70 51.50
H5 NAG D . 5.29 7.00 49.74
H61 NAG D . 6.07 5.51 51.68
H62 NAG D . 6.90 5.66 50.32
H81 NAG D . -1.48 7.10 46.72
H82 NAG D . -0.27 8.14 46.52
H83 NAG D . -1.18 8.21 47.83
HN2 NAG D . 1.29 8.13 48.46
HO3 NAG D . 1.97 7.93 52.04
HO4 NAG D . 4.42 6.84 52.91
HO6 NAG D . 5.29 3.86 49.82
C1 NAG E . -12.17 -6.29 8.30
C2 NAG E . -11.57 -6.74 9.64
C3 NAG E . -12.20 -8.06 10.08
C4 NAG E . -13.72 -7.93 10.11
C5 NAG E . -14.22 -7.48 8.75
C6 NAG E . -15.71 -7.25 8.71
C7 NAG E . -9.28 -6.38 10.45
C8 NAG E . -7.82 -6.63 10.20
N2 NAG E . -10.13 -6.88 9.55
O3 NAG E . -11.72 -8.40 11.38
O4 NAG E . -14.31 -9.19 10.41
O5 NAG E . -13.60 -6.23 8.41
O6 NAG E . -16.12 -6.33 9.72
O7 NAG E . -9.67 -5.75 11.43
H2 NAG E . -11.78 -6.06 10.30
H3 NAG E . -11.96 -8.76 9.46
H4 NAG E . -13.98 -7.28 10.79
H5 NAG E . -13.99 -8.14 8.08
H61 NAG E . -16.17 -8.10 8.85
H62 NAG E . -15.96 -6.89 7.84
H81 NAG E . -7.30 -6.19 10.89
H82 NAG E . -7.58 -6.27 9.33
H83 NAG E . -7.65 -7.59 10.22
HN2 NAG E . -9.79 -7.33 8.84
HO3 NAG E . -12.39 -8.69 11.88
HO6 NAG E . -16.10 -5.51 9.41
C1 NAG E . -15.07 -9.14 11.63
C2 NAG E . -16.06 -10.30 11.61
C3 NAG E . -16.79 -10.44 12.95
C4 NAG E . -15.79 -10.46 14.10
C5 NAG E . -14.91 -9.22 13.99
C6 NAG E . -13.88 -9.11 15.09
C7 NAG E . -16.89 -10.73 9.34
C8 NAG E . -17.98 -10.46 8.35
N2 NAG E . -17.03 -10.13 10.53
O3 NAG E . -17.55 -11.65 12.91
O4 NAG E . -16.42 -10.44 15.37
O5 NAG E . -14.21 -9.26 12.75
O6 NAG E . -13.00 -10.23 15.10
O7 NAG E . -15.96 -11.47 9.09
H2 NAG E . -15.57 -11.13 11.45
H3 NAG E . -17.40 -9.68 13.06
H4 NAG E . -15.24 -11.26 14.04
H5 NAG E . -15.48 -8.43 14.01
H61 NAG E . -14.33 -9.04 15.95
H62 NAG E . -13.35 -8.30 14.95
H81 NAG E . -17.77 -10.90 7.50
H82 NAG E . -18.04 -9.50 8.19
H83 NAG E . -18.83 -10.78 8.69
HN2 NAG E . -17.75 -9.60 10.67
HO3 NAG E . -18.41 -11.46 13.04
HO6 NAG E . -12.44 -10.16 15.78
C1 MAN E . -17.35 -11.53 15.62
C2 MAN E . -18.35 -10.96 16.66
C3 MAN E . -18.76 -12.00 17.72
C4 MAN E . -17.56 -12.76 18.35
C5 MAN E . -16.31 -12.74 17.45
C6 MAN E . -15.45 -13.99 17.64
O2 MAN E . -19.57 -10.56 16.02
O3 MAN E . -19.72 -12.92 17.21
O4 MAN E . -17.22 -12.18 19.61
O5 MAN E . -16.70 -12.71 16.07
O6 MAN E . -15.47 -14.34 19.03
H2 MAN E . -17.88 -10.10 17.16
H3 MAN E . -19.27 -11.47 18.54
H4 MAN E . -17.86 -13.81 18.48
H5 MAN E . -15.70 -11.86 17.69
H61 MAN E . -14.43 -13.77 17.29
H62 MAN E . -15.88 -14.79 17.02
HO2 MAN E . -20.13 -11.34 15.90
HO3 MAN E . -19.22 -13.49 16.59
HO4 MAN E . -16.56 -12.76 19.99
HO6 MAN E . -15.08 -15.20 19.12
C1 NAG F . -13.79 -37.32 -18.57
C2 NAG F . -15.08 -38.10 -18.62
C3 NAG F . -14.81 -39.54 -19.06
C4 NAG F . -13.97 -39.59 -20.32
C5 NAG F . -12.78 -38.61 -20.27
C6 NAG F . -12.12 -38.42 -21.62
C7 NAG F . -17.03 -37.69 -17.18
C8 NAG F . -17.55 -37.72 -15.77
N2 NAG F . -15.76 -38.07 -17.33
O3 NAG F . -16.05 -40.19 -19.28
O4 NAG F . -13.41 -40.90 -20.43
O5 NAG F . -13.20 -37.31 -19.84
O6 NAG F . -10.71 -38.47 -21.53
O7 NAG F . -17.73 -37.33 -18.12
H2 NAG F . -15.67 -37.69 -19.29
H3 NAG F . -14.33 -40.00 -18.34
H4 NAG F . -14.52 -39.40 -21.10
H5 NAG F . -12.12 -38.96 -19.65
H61 NAG F . -12.39 -37.56 -21.98
H62 NAG F . -12.43 -39.13 -22.23
H81 NAG F . -18.47 -37.38 -15.75
H82 NAG F . -17.00 -37.16 -15.20
H83 NAG F . -17.54 -38.64 -15.44
HN2 NAG F . -15.30 -38.33 -16.59
HO3 NAG F . -15.96 -40.76 -19.96
C1 NAG F . -13.79 -41.61 -21.62
C2 NAG F . -12.72 -42.66 -21.88
C3 NAG F . -13.09 -43.53 -23.09
C4 NAG F . -14.47 -44.12 -22.88
C5 NAG F . -15.48 -43.01 -22.62
C6 NAG F . -16.87 -43.51 -22.32
C7 NAG F . -10.34 -42.30 -21.31
C8 NAG F . -9.09 -41.58 -21.68
N2 NAG F . -11.42 -42.05 -22.08
O3 NAG F . -12.13 -44.57 -23.24
O4 NAG F . -14.87 -44.85 -24.05
O5 NAG F . -15.06 -42.25 -21.47
O6 NAG F . -17.05 -43.76 -20.94
O7 NAG F . -10.40 -43.07 -20.36
H2 NAG F . -12.66 -43.25 -21.09
H3 NAG F . -13.10 -42.97 -23.88
H4 NAG F . -14.47 -44.72 -22.12
H5 NAG F . -15.52 -42.41 -23.39
H61 NAG F . -17.02 -44.35 -22.81
H62 NAG F . -17.53 -42.85 -22.62
H81 NAG F . -8.39 -41.79 -21.04
H82 NAG F . -9.26 -40.61 -21.67
H83 NAG F . -8.81 -41.85 -22.57
HN2 NAG F . -11.31 -41.47 -22.78
HO3 NAG F . -12.53 -45.28 -23.59
HO4 NAG F . -15.22 -45.63 -23.80
HO6 NAG F . -16.39 -43.36 -20.48
C4 TLF G . 15.03 17.74 11.34
C5 TLF G . 14.54 16.56 11.86
C6 TLF G . 13.45 15.92 11.28
C8 TLF G . 13.66 13.70 12.47
C9 TLF G . 15.04 13.59 12.35
C10 TLF G . 15.71 12.58 13.03
C11 TLF G . 15.02 11.66 13.80
C12 TLF G . 13.64 11.77 13.90
C13 TLF G . 12.97 12.77 13.24
C14 TLF G . 11.46 12.86 13.36
O16 TLF G . 10.84 11.99 14.03
O15 TLF G . 10.83 13.79 12.80
N7 TLF G . 12.92 14.70 11.79
C1 TLF G . 12.83 16.50 10.18
C17 TLF G . 11.64 15.79 9.57
C2 TLF G . 13.32 17.69 9.66
CL TLF G . 12.57 18.44 8.27
C3 TLF G . 14.41 18.30 10.24
H1 TLF G . 15.80 18.17 11.75
H2 TLF G . 14.98 16.15 12.64
H3 TLF G . 15.54 14.23 11.81
H4 TLF G . 16.69 12.52 12.94
H5 TLF G . 15.50 10.96 14.27
H6 TLF G . 13.15 11.12 14.45
H8 TLF G . 12.05 14.51 11.58
H9 TLF G . 11.86 14.85 9.39
H10 TLF G . 10.88 15.85 10.18
H11 TLF G . 11.41 16.23 8.73
H12 TLF G . 14.75 19.15 9.87
CO COH H . 12.26 2.84 25.31
CHA COH H . 12.36 -0.12 23.52
CHB COH H . 12.24 0.99 28.24
CHC COH H . 11.53 5.66 27.15
CHD COH H . 12.13 4.66 22.43
NA COH H . 12.33 0.82 25.79
C1A COH H . 12.32 -0.23 24.89
C2A COH H . 12.22 -1.47 25.64
C3A COH H . 12.19 -1.16 26.93
C4A COH H . 12.25 0.28 27.06
CMA COH H . 12.10 -2.18 28.09
CAA COH H . 12.18 -2.89 25.05
CBA COH H . 13.59 -3.36 24.73
CGA COH H . 13.60 -4.83 24.37
O1A COH H . 12.53 -5.49 24.49
O2A COH H . 14.67 -5.35 23.96
NB COH H . 11.97 3.26 27.33
C1B COH H . 11.95 2.34 28.36
C2B COH H . 11.58 3.03 29.59
C3B COH H . 11.38 4.33 29.28
C4B COH H . 11.62 4.48 27.86
CMB COH H . 11.47 2.29 30.94
CAB COH H . 10.97 5.54 30.16
CBB COH H . 10.86 5.55 31.49
NC COH H . 11.84 4.80 24.85
C1C COH H . 11.69 5.81 25.79
C2C COH H . 11.72 7.07 25.08
C3C COH H . 11.88 6.82 23.77
C4C COH H . 11.97 5.37 23.60
CMC COH H . 11.58 8.45 25.76
CAC COH H . 11.96 7.96 22.71
CBC COH H . 12.03 7.75 21.40
ND COH H . 12.29 2.33 23.29
C1D COH H . 12.14 3.28 22.28
C2D COH H . 11.99 2.59 21.02
C3D COH H . 12.07 1.09 21.34
C4D COH H . 12.25 1.04 22.78
CMD COH H . 11.81 3.24 19.63
CAD COH H . 11.96 -0.13 20.39
CBD COH H . 10.59 -0.18 19.73
CGD COH H . 10.10 -1.60 19.54
O1D COH H . 10.64 -2.36 18.69
O2D COH H . 9.12 -1.97 20.24
HHA COH H . 12.51 -0.95 23.01
HHB COH H . 12.51 0.53 29.05
HHC COH H . 11.33 6.47 27.66
HHD COH H . 12.26 5.19 21.62
HMA1 COH H . 12.09 -1.70 28.95
HMA2 COH H . 12.88 -2.78 28.06
HMA3 COH H . 11.27 -2.71 28.00
HAA1 COH H . 11.65 -2.89 24.23
HAA2 COH H . 11.78 -3.50 25.70
HBA1 COH H . 14.16 -3.22 25.49
HBA2 COH H . 13.94 -2.85 23.97
HMB1 COH H . 11.22 2.91 31.63
HMB2 COH H . 12.33 1.88 31.17
HMB3 COH H . 10.80 1.59 30.87
HAB COH H . 10.79 6.37 29.71
HBB1 COH H . 11.04 4.73 32.00
HBB2 COH H . 10.60 6.35 31.97
HMC1 COH H . 11.63 9.15 25.09
HMC2 COH H . 12.29 8.57 26.40
HMC3 COH H . 10.73 8.50 26.21
HAC COH H . 11.96 8.87 23.03
HBC1 COH H . 12.03 6.85 21.05
HBC2 COH H . 12.08 8.51 20.79
HMD1 COH H . 11.73 2.54 18.95
HMD2 COH H . 12.58 3.81 19.42
HMD3 COH H . 10.98 3.79 19.63
HAD1 COH H . 12.10 -0.95 20.90
HAD2 COH H . 12.65 -0.07 19.71
HBD1 COH H . 10.65 0.25 18.87
HBD2 COH H . 9.96 0.30 20.28
P PO4 I . -7.32 -8.13 22.73
O1 PO4 I . -6.41 -6.96 22.44
O2 PO4 I . -6.61 -9.42 22.40
O3 PO4 I . -8.58 -8.02 21.90
O4 PO4 I . -7.69 -8.11 24.19
P PO4 J . 18.96 -0.13 -3.99
O1 PO4 J . 19.88 1.07 -4.02
O2 PO4 J . 18.01 0.00 -2.83
O3 PO4 J . 19.78 -1.38 -3.82
O4 PO4 J . 18.18 -0.19 -5.28
P PO4 K . 28.01 22.24 22.71
O1 PO4 K . 29.09 23.29 22.57
O2 PO4 K . 27.53 21.81 21.35
O3 PO4 K . 28.57 21.05 23.46
O4 PO4 K . 26.86 22.81 23.50
C4 TLF L . -9.78 -1.24 -23.96
C5 TLF L . -9.96 -2.16 -22.95
C6 TLF L . -9.07 -2.22 -21.88
C8 TLF L . -10.42 -3.65 -20.29
C9 TLF L . -11.64 -3.05 -20.55
C10 TLF L . -12.81 -3.58 -20.03
C11 TLF L . -12.75 -4.70 -19.21
C12 TLF L . -11.53 -5.30 -18.95
C13 TLF L . -10.37 -4.76 -19.48
C14 TLF L . -9.04 -5.41 -19.17
O16 TLF L . -8.98 -6.44 -18.45
O15 TLF L . -7.98 -4.90 -19.62
N7 TLF L . -9.19 -3.14 -20.80
C1 TLF L . -7.98 -1.35 -21.86
C17 TLF L . -7.00 -1.43 -20.70
C2 TLF L . -7.80 -0.44 -22.89
CL TLF L . -6.43 0.65 -22.88
C3 TLF L . -8.70 -0.38 -23.94
H1 TLF L . -10.42 -1.20 -24.70
H2 TLF L . -10.72 -2.76 -22.96
H3 TLF L . -11.69 -2.26 -21.14
H4 TLF L . -13.67 -3.16 -20.22
H5 TLF L . -13.57 -5.07 -18.85
H6 TLF L . -11.49 -6.09 -18.37
H8 TLF L . -8.43 -3.35 -20.34
H9 TLF L . -6.38 -0.68 -20.74
H10 TLF L . -7.49 -1.40 -19.86
H11 TLF L . -6.50 -2.28 -20.75
H12 TLF L . -8.57 0.27 -24.67
CO COH M . -17.02 -17.81 -14.00
CHA COH M . -17.67 -16.86 -10.77
CHB COH M . -18.45 -20.94 -13.27
CHC COH M . -15.84 -19.10 -16.92
CHD COH M . -15.34 -14.87 -14.58
NA COH M . -17.86 -18.75 -12.32
C1A COH M . -18.10 -18.12 -11.12
C2A COH M . -18.88 -19.00 -10.28
C3A COH M . -19.10 -20.13 -10.97
C4A COH M . -18.46 -20.00 -12.26
CMA COH M . -19.89 -21.36 -10.47
CAA COH M . -19.39 -18.71 -8.84
CBA COH M . -20.08 -17.36 -8.77
CGA COH M . -20.78 -17.16 -7.45
O1A COH M . -20.81 -18.11 -6.62
O2A COH M . -21.33 -16.04 -7.24
NB COH M . -17.17 -19.67 -14.93
C1B COH M . -17.71 -20.84 -14.44
C2B COH M . -17.39 -21.93 -15.35
C3B COH M . -16.65 -21.41 -16.35
C4B COH M . -16.51 -19.99 -16.10
CMB COH M . -17.82 -23.39 -15.09
CAB COH M . -16.03 -22.07 -17.61
CBB COH M . -16.42 -23.25 -18.10
NC COH M . -15.75 -17.11 -15.45
C1C COH M . -15.51 -17.80 -16.62
C2C COH M . -14.83 -16.89 -17.53
C3C COH M . -14.68 -15.72 -16.92
C4C COH M . -15.26 -15.83 -15.57
CMC COH M . -14.38 -17.28 -18.95
CAC COH M . -13.99 -14.51 -17.60
CBC COH M . -13.75 -13.34 -17.01
ND COH M . -16.59 -16.11 -12.87
C1D COH M . -15.82 -15.04 -13.30
C2D COH M . -15.60 -14.14 -12.17
C3D COH M . -16.34 -14.79 -10.98
C4D COH M . -16.91 -15.99 -11.52
CMD COH M . -14.80 -12.83 -12.19
CAD COH M . -16.48 -14.31 -9.50
CBD COH M . -15.14 -13.95 -8.85
CGD COH M . -15.20 -14.20 -7.36
O1D COH M . -15.74 -13.36 -6.58
O2D COH M . -14.66 -15.26 -6.93
HHA COH M . -17.92 -16.55 -9.88
HHB COH M . -19.12 -21.65 -13.23
HHC COH M . -15.56 -19.44 -17.79
HHD COH M . -15.01 -13.96 -14.81
HMA1 COH M . -19.90 -22.04 -11.16
HMA2 COH M . -20.81 -21.09 -10.26
HMA3 COH M . -19.47 -21.72 -9.66
HAA1 COH M . -18.63 -18.71 -8.23
HAA2 COH M . -20.02 -19.40 -8.57
HBA1 COH M . -20.73 -17.30 -9.48
HBA2 COH M . -19.42 -16.65 -8.88
HMB1 COH M . -17.50 -23.95 -15.82
HMB2 COH M . -18.79 -23.43 -15.05
HMB3 COH M . -17.45 -23.70 -14.26
HAB COH M . -15.32 -21.61 -18.05
HBB1 COH M . -17.14 -23.75 -17.68
HBB2 COH M . -15.99 -23.62 -18.89
HMC1 COH M . -13.96 -16.52 -19.37
HMC2 COH M . -15.16 -17.54 -19.47
HMC3 COH M . -13.76 -18.02 -18.90
HAC COH M . -13.71 -14.61 -18.52
HBC1 COH M . -14.01 -13.21 -16.08
HBC2 COH M . -13.31 -12.63 -17.50
HMD1 COH M . -14.81 -12.42 -11.28
HMD2 COH M . -15.20 -12.20 -12.82
HMD3 COH M . -13.87 -13.00 -12.45
HAD1 COH M . -16.91 -15.00 -8.98
HAD2 COH M . -17.05 -13.52 -9.49
HBD1 COH M . -14.94 -13.03 -9.02
HBD2 COH M . -14.44 -14.51 -9.24
C1 NAG N . -29.30 20.98 -6.71
C2 NAG N . -30.08 22.09 -7.40
C3 NAG N . -31.43 22.28 -6.72
C4 NAG N . -32.18 20.95 -6.64
C5 NAG N . -31.31 19.91 -5.97
C6 NAG N . -31.94 18.53 -5.92
C7 NAG N . -28.80 23.89 -8.48
C8 NAG N . -28.07 25.18 -8.27
N2 NAG N . -29.33 23.35 -7.39
O3 NAG N . -32.21 23.23 -7.45
O4 NAG N . -33.40 21.11 -5.92
O5 NAG N . -30.07 19.78 -6.69
O6 NAG N . -31.67 17.89 -4.67
O7 NAG N . -28.90 23.38 -9.59
H2 NAG N . -30.24 21.83 -8.33
H3 NAG N . -31.30 22.61 -5.81
H4 NAG N . -32.39 20.65 -7.56
H5 NAG N . -31.11 20.20 -5.05
H61 NAG N . -31.58 18.00 -6.64
H62 NAG N . -32.90 18.62 -6.03
H81 NAG N . -27.68 25.48 -9.12
H82 NAG N . -27.35 25.05 -7.62
H83 NAG N . -28.69 25.86 -7.94
HN2 NAG N . -29.23 23.77 -6.59
HO3 NAG N . -33.00 23.32 -7.06
HO4 NAG N . -34.05 20.67 -6.33
HO6 NAG N . -32.04 17.08 -4.67
P PO4 O . -3.35 -24.63 2.45
O1 PO4 O . -2.41 -24.18 3.54
O2 PO4 O . -2.53 -25.17 1.31
O3 PO4 O . -4.28 -25.70 2.99
O4 PO4 O . -4.19 -23.47 1.96
P PO4 P . -15.52 10.78 -4.33
O1 PO4 P . -14.51 11.58 -3.54
O2 PO4 P . -14.97 9.41 -4.63
O3 PO4 P . -16.78 10.65 -3.50
O4 PO4 P . -15.84 11.49 -5.63
P PO4 Q . -22.98 -5.81 -35.16
O1 PO4 Q . -22.25 -4.92 -34.19
O2 PO4 Q . -22.15 -7.04 -35.41
O3 PO4 Q . -24.33 -6.21 -34.60
O4 PO4 Q . -23.22 -5.05 -36.46
#